data_4ZH5
#
_entry.id   4ZH5
#
_cell.length_a   76.150
_cell.length_b   108.170
_cell.length_c   112.680
_cell.angle_alpha   90.00
_cell.angle_beta   90.00
_cell.angle_gamma   90.00
#
_symmetry.space_group_name_H-M   'P 21 21 21'
#
loop_
_entity.id
_entity.type
_entity.pdbx_description
1 polymer Endoglucanase
2 branched beta-D-glucopyranose-(1-4)-beta-D-glucopyranose
3 non-polymer 'CALCIUM ION'
4 non-polymer 'SODIUM ION'
5 non-polymer 'CHLORIDE ION'
6 water water
#
_entity_poly.entity_id   1
_entity_poly.type   'polypeptide(L)'
_entity_poly.pdbx_seq_one_letter_code
;AQYNYREVLQKSILFYAAQRSGQLPGNNPIDWRDDSALDDQGNGGEDLTGGWYDAGDHVKFGLPMAWTATTLIWGMIDLA
NGYGGDRNDAMQSVRWALDYFMKCHVSDNELYGQVGDGHADHAYWGRPEEMTMDRPAWSLTPSAPGSDLAGETAAALAAG
SILFSDSDASYANQLLDHARTIYDFAYNNRGIYSESIPNAADFYRSSAYEDELCWGALWLYRATGEQDYMDKANEFLPQG
RPWAFSWDSKEAGSLVLLTSFGNSNARAQLEDFLQSWFPGGDIHYTPLGLAWRDTWGSLRYSANSAFIALLAAEEGVLTS
QARTFARAQLDYMLGSTGRSFVVGFGTNPPLRPHHRAASCPDMPASCGWDQASDPAPNPQVLDGALVGGPDDQDNYNDDR
QDYISNEVACDYNAGFQGALAGILQL
;
_entity_poly.pdbx_strand_id   A,B
#
loop_
_chem_comp.id
_chem_comp.type
_chem_comp.name
_chem_comp.formula
BGC D-saccharide, beta linking beta-D-glucopyranose 'C6 H12 O6'
CA non-polymer 'CALCIUM ION' 'Ca 2'
CL non-polymer 'CHLORIDE ION' 'Cl -1'
NA non-polymer 'SODIUM ION' 'Na 1'
#
# COMPACT_ATOMS: atom_id res chain seq x y z
N GLN A 2 -14.46 17.27 -28.61
CA GLN A 2 -15.27 17.82 -27.50
C GLN A 2 -14.36 18.41 -26.41
N TYR A 3 -13.56 17.60 -25.71
CA TYR A 3 -12.60 18.21 -24.78
C TYR A 3 -11.38 18.77 -25.48
N ASN A 4 -10.86 19.84 -24.93
CA ASN A 4 -9.64 20.41 -25.42
C ASN A 4 -8.43 19.73 -24.80
N TYR A 5 -8.07 18.58 -25.36
CA TYR A 5 -6.96 17.79 -24.81
C TYR A 5 -5.65 18.56 -24.87
N ARG A 6 -5.45 19.34 -25.91
CA ARG A 6 -4.20 20.10 -26.04
C ARG A 6 -4.05 21.15 -24.95
N GLU A 7 -5.16 21.81 -24.60
CA GLU A 7 -5.12 22.75 -23.50
C GLU A 7 -4.69 22.06 -22.23
N VAL A 8 -5.21 20.87 -21.97
CA VAL A 8 -4.82 20.13 -20.79
C VAL A 8 -3.34 19.76 -20.82
N LEU A 9 -2.86 19.31 -21.97
N LEU A 9 -2.86 19.31 -21.97
CA LEU A 9 -1.44 18.93 -22.10
CA LEU A 9 -1.45 18.94 -22.15
C LEU A 9 -0.53 20.13 -21.81
C LEU A 9 -0.54 20.13 -21.82
N GLN A 10 -0.91 21.29 -22.35
CA GLN A 10 -0.15 22.53 -22.07
C GLN A 10 -0.16 22.86 -20.57
N LYS A 11 -1.31 22.71 -19.93
CA LYS A 11 -1.38 22.94 -18.48
C LYS A 11 -0.55 21.92 -17.68
N SER A 12 -0.51 20.69 -18.15
CA SER A 12 0.28 19.68 -17.43
C SER A 12 1.76 20.05 -17.38
N ILE A 13 2.27 20.59 -18.48
CA ILE A 13 3.65 21.11 -18.50
C ILE A 13 3.84 22.24 -17.46
N LEU A 14 2.81 23.09 -17.31
CA LEU A 14 2.84 24.13 -16.26
C LEU A 14 2.79 23.57 -14.86
N PHE A 15 2.11 22.43 -14.65
CA PHE A 15 2.20 21.77 -13.37
C PHE A 15 3.64 21.47 -13.02
N TYR A 16 4.35 20.82 -13.94
CA TYR A 16 5.76 20.52 -13.65
C TYR A 16 6.59 21.77 -13.38
N ALA A 17 6.27 22.86 -14.06
CA ALA A 17 6.98 24.10 -13.76
C ALA A 17 6.75 24.56 -12.30
N ALA A 18 5.53 24.35 -11.82
CA ALA A 18 5.20 24.73 -10.47
C ALA A 18 5.82 23.82 -9.41
N GLN A 19 6.33 22.66 -9.81
CA GLN A 19 6.97 21.71 -8.90
C GLN A 19 8.49 21.95 -8.83
N ARG A 20 9.04 22.89 -9.58
CA ARG A 20 10.49 23.03 -9.61
C ARG A 20 11.05 23.51 -8.29
N SER A 21 12.13 22.86 -7.86
CA SER A 21 12.99 23.30 -6.79
C SER A 21 14.24 23.94 -7.37
N GLY A 22 14.95 24.74 -6.55
CA GLY A 22 16.22 25.32 -6.94
C GLY A 22 16.09 26.68 -7.55
N GLN A 23 17.11 27.09 -8.27
CA GLN A 23 17.13 28.42 -8.92
C GLN A 23 16.31 28.36 -10.16
N LEU A 24 15.18 29.03 -10.17
CA LEU A 24 14.22 28.90 -11.30
C LEU A 24 14.73 29.63 -12.54
N PRO A 25 14.34 29.14 -13.75
CA PRO A 25 14.78 29.76 -14.97
C PRO A 25 14.16 31.10 -15.12
N GLY A 26 14.84 31.96 -15.88
CA GLY A 26 14.32 33.30 -16.09
C GLY A 26 12.92 33.37 -16.67
N ASN A 27 12.58 32.39 -17.52
CA ASN A 27 11.26 32.31 -18.12
C ASN A 27 10.19 31.60 -17.27
N ASN A 28 10.51 31.35 -16.01
CA ASN A 28 9.54 30.78 -15.08
C ASN A 28 8.15 31.34 -15.32
N PRO A 29 7.17 30.48 -15.60
CA PRO A 29 5.84 30.95 -15.91
C PRO A 29 4.90 30.99 -14.69
N ILE A 30 5.41 30.62 -13.52
CA ILE A 30 4.59 30.50 -12.33
C ILE A 30 4.94 31.66 -11.40
N ASP A 31 4.10 32.68 -11.37
CA ASP A 31 4.47 33.95 -10.68
C ASP A 31 4.53 33.88 -9.17
N TRP A 32 3.92 32.84 -8.62
CA TRP A 32 3.92 32.59 -7.21
C TRP A 32 5.02 31.65 -6.73
N ARG A 33 5.87 31.18 -7.64
CA ARG A 33 7.05 30.40 -7.31
C ARG A 33 8.28 31.24 -7.57
N ASP A 34 9.26 31.06 -6.72
CA ASP A 34 10.59 31.72 -6.87
C ASP A 34 11.68 30.72 -6.41
N ASP A 35 12.91 31.19 -6.38
CA ASP A 35 14.02 30.38 -5.95
C ASP A 35 13.80 29.76 -4.60
N SER A 36 14.22 28.52 -4.43
CA SER A 36 14.02 27.82 -3.19
C SER A 36 15.00 26.68 -3.06
N ALA A 37 15.25 26.22 -1.83
CA ALA A 37 16.10 25.06 -1.55
C ALA A 37 17.46 25.20 -2.22
N LEU A 38 18.04 26.40 -2.10
CA LEU A 38 19.28 26.68 -2.80
C LEU A 38 20.47 26.10 -2.09
N ASP A 39 20.28 25.58 -0.87
CA ASP A 39 21.37 24.96 -0.13
C ASP A 39 21.29 23.42 -0.18
N ASP A 40 20.37 22.82 -0.96
CA ASP A 40 20.32 21.37 -1.03
C ASP A 40 21.65 20.80 -1.49
N GLN A 41 22.17 19.87 -0.69
CA GLN A 41 23.52 19.34 -0.90
C GLN A 41 23.69 17.97 -0.32
N GLY A 42 24.67 17.25 -0.87
CA GLY A 42 25.07 15.98 -0.35
C GLY A 42 25.94 16.10 0.91
N ASN A 43 26.25 14.94 1.47
CA ASN A 43 27.01 14.85 2.70
C ASN A 43 28.48 15.19 2.54
N GLY A 44 28.95 15.21 1.32
CA GLY A 44 30.26 15.75 0.99
C GLY A 44 30.22 17.14 0.39
N GLY A 45 29.10 17.83 0.57
CA GLY A 45 28.98 19.16 0.00
C GLY A 45 28.63 19.28 -1.46
N GLU A 46 28.26 18.18 -2.07
CA GLU A 46 27.92 18.15 -3.49
C GLU A 46 26.63 18.92 -3.74
N ASP A 47 26.60 19.70 -4.81
CA ASP A 47 25.39 20.47 -5.22
C ASP A 47 24.28 19.53 -5.61
N LEU A 48 23.17 19.58 -4.88
CA LEU A 48 21.96 18.81 -5.18
C LEU A 48 20.77 19.75 -5.42
N THR A 49 21.02 20.96 -5.87
CA THR A 49 19.91 21.86 -6.13
C THR A 49 19.21 21.47 -7.40
N GLY A 50 17.93 21.79 -7.45
CA GLY A 50 17.09 21.53 -8.60
C GLY A 50 16.13 20.40 -8.34
N GLY A 51 15.71 19.77 -9.44
CA GLY A 51 14.74 18.67 -9.38
C GLY A 51 13.33 19.17 -9.08
N TRP A 52 12.40 18.23 -8.99
CA TRP A 52 11.00 18.53 -8.69
C TRP A 52 10.63 18.12 -7.31
N TYR A 53 9.91 19.01 -6.62
CA TYR A 53 9.23 18.61 -5.42
C TYR A 53 8.22 17.54 -5.78
N ASP A 54 8.05 16.55 -4.89
CA ASP A 54 7.26 15.41 -5.29
C ASP A 54 5.76 15.66 -5.47
N ALA A 55 5.13 16.29 -4.49
CA ALA A 55 3.67 16.31 -4.40
C ALA A 55 3.24 17.70 -3.91
N GLY A 56 2.47 17.75 -2.84
CA GLY A 56 2.11 19.02 -2.21
C GLY A 56 3.11 19.44 -1.14
N ASP A 57 4.19 18.67 -1.05
CA ASP A 57 5.30 18.77 -0.13
C ASP A 57 6.57 19.22 -0.84
N HIS A 58 7.69 19.24 -0.12
CA HIS A 58 8.95 19.76 -0.62
C HIS A 58 10.09 18.76 -0.53
N VAL A 59 9.75 17.48 -0.43
CA VAL A 59 10.76 16.40 -0.54
C VAL A 59 11.07 16.08 -2.00
N LYS A 60 12.34 15.77 -2.28
CA LYS A 60 12.77 15.28 -3.57
C LYS A 60 12.97 13.78 -3.45
N PHE A 61 11.95 13.02 -3.87
CA PHE A 61 11.90 11.56 -3.75
C PHE A 61 12.37 10.99 -5.11
N GLY A 62 13.53 10.36 -5.12
CA GLY A 62 14.13 9.99 -6.38
C GLY A 62 13.42 8.92 -7.19
N LEU A 63 12.72 7.95 -6.55
CA LEU A 63 12.07 6.90 -7.34
C LEU A 63 10.90 7.42 -8.18
N PRO A 64 9.92 8.12 -7.57
CA PRO A 64 8.85 8.67 -8.41
C PRO A 64 9.37 9.78 -9.31
N MET A 65 10.38 10.56 -8.89
CA MET A 65 10.84 11.61 -9.77
C MET A 65 11.43 11.01 -11.07
N ALA A 66 12.22 9.96 -10.91
CA ALA A 66 12.83 9.28 -12.08
C ALA A 66 11.79 8.55 -12.88
N TRP A 67 10.81 7.90 -12.27
CA TRP A 67 9.76 7.24 -13.05
C TRP A 67 8.95 8.22 -13.85
N THR A 68 8.66 9.38 -13.20
CA THR A 68 7.97 10.43 -13.89
C THR A 68 8.72 10.84 -15.14
N ALA A 69 10.03 11.05 -14.97
CA ALA A 69 10.82 11.44 -16.14
C ALA A 69 10.81 10.38 -17.25
N THR A 70 11.03 9.12 -16.88
CA THR A 70 11.10 8.08 -17.90
C THR A 70 9.76 8.04 -18.67
N THR A 71 8.67 8.08 -17.90
CA THR A 71 7.33 7.96 -18.46
C THR A 71 6.96 9.14 -19.37
N LEU A 72 7.31 10.36 -18.92
CA LEU A 72 7.13 11.54 -19.74
C LEU A 72 7.94 11.43 -21.02
N ILE A 73 9.21 11.05 -20.88
CA ILE A 73 10.09 10.92 -22.04
C ILE A 73 9.57 9.91 -23.04
N TRP A 74 9.08 8.78 -22.55
CA TRP A 74 8.56 7.75 -23.42
C TRP A 74 7.49 8.30 -24.31
N GLY A 75 6.53 9.07 -23.74
CA GLY A 75 5.51 9.67 -24.56
C GLY A 75 6.05 10.67 -25.56
N MET A 76 7.07 11.44 -25.17
CA MET A 76 7.63 12.38 -26.14
C MET A 76 8.37 11.69 -27.31
N ILE A 77 8.89 10.48 -27.08
CA ILE A 77 9.53 9.70 -28.13
C ILE A 77 8.44 9.06 -29.02
N ASP A 78 7.55 8.29 -28.39
CA ASP A 78 6.65 7.42 -29.16
C ASP A 78 5.31 8.00 -29.53
N LEU A 79 4.96 9.14 -28.92
CA LEU A 79 3.71 9.86 -29.21
C LEU A 79 4.09 11.29 -29.59
N ALA A 80 5.21 11.45 -30.31
CA ALA A 80 5.72 12.74 -30.68
C ALA A 80 4.75 13.58 -31.51
N ASN A 81 4.02 12.92 -32.41
CA ASN A 81 3.12 13.67 -33.27
C ASN A 81 1.99 14.29 -32.47
N GLY A 82 1.55 13.58 -31.46
CA GLY A 82 0.52 14.13 -30.56
C GLY A 82 0.99 15.31 -29.76
N TYR A 83 2.23 15.28 -29.29
CA TYR A 83 2.79 16.44 -28.68
C TYR A 83 2.79 17.66 -29.59
N GLY A 84 3.10 17.42 -30.84
CA GLY A 84 3.00 18.44 -31.90
C GLY A 84 3.80 19.68 -31.54
N GLY A 85 3.14 20.85 -31.61
CA GLY A 85 3.84 22.11 -31.34
C GLY A 85 4.20 22.35 -29.89
N ASP A 86 3.76 21.47 -28.99
CA ASP A 86 4.11 21.51 -27.57
C ASP A 86 5.26 20.60 -27.21
N ARG A 87 5.79 19.84 -28.19
CA ARG A 87 6.87 18.88 -27.86
C ARG A 87 8.11 19.57 -27.33
N ASN A 88 8.56 20.65 -27.96
CA ASN A 88 9.76 21.30 -27.48
C ASN A 88 9.64 21.82 -26.05
N ASP A 89 8.48 22.37 -25.72
CA ASP A 89 8.20 22.81 -24.36
C ASP A 89 8.25 21.63 -23.37
N ALA A 90 7.66 20.51 -23.76
CA ALA A 90 7.71 19.32 -22.93
C ALA A 90 9.12 18.75 -22.71
N MET A 91 9.90 18.83 -23.78
CA MET A 91 11.29 18.39 -23.71
C MET A 91 12.12 19.27 -22.78
N GLN A 92 11.96 20.60 -22.91
CA GLN A 92 12.68 21.49 -22.02
C GLN A 92 12.27 21.25 -20.57
N SER A 93 10.98 20.98 -20.38
CA SER A 93 10.49 20.75 -19.02
C SER A 93 11.16 19.58 -18.32
N VAL A 94 11.30 18.44 -19.04
CA VAL A 94 11.84 17.26 -18.40
C VAL A 94 13.34 17.34 -18.15
N ARG A 95 14.02 18.25 -18.84
CA ARG A 95 15.43 18.47 -18.51
C ARG A 95 15.64 18.82 -17.05
N TRP A 96 14.63 19.44 -16.41
CA TRP A 96 14.76 19.80 -15.00
C TRP A 96 15.09 18.57 -14.16
N ALA A 97 14.39 17.49 -14.44
CA ALA A 97 14.60 16.24 -13.74
C ALA A 97 15.93 15.59 -14.13
N LEU A 98 16.18 15.49 -15.41
CA LEU A 98 17.39 14.82 -15.89
C LEU A 98 18.66 15.48 -15.41
N ASP A 99 18.68 16.81 -15.37
CA ASP A 99 19.85 17.50 -14.88
C ASP A 99 20.07 17.20 -13.40
N TYR A 100 18.98 17.14 -12.63
CA TYR A 100 19.07 16.78 -11.24
C TYR A 100 19.63 15.39 -11.03
N PHE A 101 19.17 14.42 -11.83
CA PHE A 101 19.68 13.05 -11.69
C PHE A 101 21.20 12.97 -11.92
N MET A 102 21.70 13.77 -12.86
CA MET A 102 23.14 13.81 -13.11
C MET A 102 23.90 14.40 -11.91
N LYS A 103 23.33 15.44 -11.27
N LYS A 103 23.33 15.44 -11.27
CA LYS A 103 23.92 15.95 -10.02
CA LYS A 103 23.92 15.96 -10.03
C LYS A 103 23.90 14.93 -8.91
C LYS A 103 23.90 14.95 -8.91
N CYS A 104 22.82 14.16 -8.81
CA CYS A 104 22.74 13.14 -7.76
C CYS A 104 23.82 12.07 -7.92
N HIS A 105 24.25 11.85 -9.15
CA HIS A 105 25.23 10.81 -9.47
C HIS A 105 26.64 11.38 -9.23
N VAL A 106 27.00 11.46 -7.95
CA VAL A 106 28.20 12.16 -7.54
C VAL A 106 29.48 11.43 -7.86
N SER A 107 29.41 10.13 -7.97
CA SER A 107 30.55 9.31 -8.42
C SER A 107 29.98 8.00 -8.95
N ASP A 108 30.83 7.16 -9.56
CA ASP A 108 30.29 6.01 -10.28
C ASP A 108 29.29 5.20 -9.47
N ASN A 109 29.64 4.90 -8.23
CA ASN A 109 28.85 4.03 -7.37
C ASN A 109 28.27 4.77 -6.14
N GLU A 110 27.92 6.02 -6.35
CA GLU A 110 27.14 6.77 -5.33
C GLU A 110 26.08 7.60 -6.02
N LEU A 111 24.82 7.37 -5.63
CA LEU A 111 23.69 8.07 -6.25
C LEU A 111 22.76 8.58 -5.12
N TYR A 112 22.65 9.91 -5.04
CA TYR A 112 21.71 10.50 -4.09
C TYR A 112 20.27 10.17 -4.52
N GLY A 113 19.50 9.67 -3.55
CA GLY A 113 18.15 9.24 -3.79
C GLY A 113 17.08 10.02 -3.06
N GLN A 114 17.45 10.87 -2.11
CA GLN A 114 16.41 11.70 -1.43
C GLN A 114 17.06 12.95 -0.91
N VAL A 115 16.35 14.06 -0.98
CA VAL A 115 16.69 15.28 -0.24
C VAL A 115 15.41 15.75 0.45
N GLY A 116 15.51 15.84 1.79
CA GLY A 116 14.38 16.13 2.66
C GLY A 116 13.93 14.93 3.46
N ASP A 117 13.55 15.16 4.70
CA ASP A 117 12.99 14.13 5.59
C ASP A 117 11.50 14.25 5.47
N GLY A 118 10.84 13.19 5.07
CA GLY A 118 9.42 13.30 4.76
C GLY A 118 8.56 13.72 5.95
N HIS A 119 8.84 13.18 7.12
CA HIS A 119 8.10 13.55 8.30
C HIS A 119 8.35 14.99 8.69
N ALA A 120 9.61 15.41 8.73
CA ALA A 120 9.92 16.79 9.09
C ALA A 120 9.38 17.78 8.07
N ASP A 121 9.51 17.41 6.81
CA ASP A 121 8.99 18.26 5.73
C ASP A 121 7.51 18.48 5.85
N HIS A 122 6.80 17.39 6.17
CA HIS A 122 5.34 17.47 6.25
C HIS A 122 4.85 18.20 7.48
N ALA A 123 5.70 18.40 8.49
CA ALA A 123 5.34 19.17 9.68
C ALA A 123 5.39 20.65 9.43
N TYR A 124 5.90 21.08 8.29
CA TYR A 124 5.90 22.46 7.88
C TYR A 124 4.76 22.69 6.89
N TRP A 125 4.08 23.84 6.99
CA TRP A 125 3.14 24.26 5.95
C TRP A 125 3.50 25.67 5.60
N GLY A 126 3.83 25.94 4.34
CA GLY A 126 4.27 27.25 3.90
C GLY A 126 4.94 27.17 2.58
N ARG A 127 5.51 28.29 2.16
CA ARG A 127 6.13 28.36 0.85
C ARG A 127 7.46 27.65 0.86
N PRO A 128 7.81 26.95 -0.23
CA PRO A 128 9.13 26.34 -0.26
C PRO A 128 10.26 27.36 -0.20
N GLU A 129 10.00 28.56 -0.73
CA GLU A 129 10.97 29.61 -0.69
C GLU A 129 11.36 30.09 0.72
N GLU A 130 10.51 29.77 1.70
CA GLU A 130 10.66 30.25 3.07
C GLU A 130 10.99 29.15 4.07
N MET A 131 11.28 27.93 3.59
CA MET A 131 11.72 26.85 4.47
C MET A 131 12.99 27.19 5.20
N THR A 132 13.07 26.73 6.45
CA THR A 132 14.26 26.92 7.26
C THR A 132 14.78 25.63 7.91
N MET A 133 14.04 24.54 7.77
CA MET A 133 14.38 23.28 8.45
C MET A 133 15.50 22.59 7.75
N ASP A 134 16.20 21.75 8.49
CA ASP A 134 17.25 20.88 7.96
C ASP A 134 16.65 19.97 6.88
N ARG A 135 17.41 19.82 5.79
CA ARG A 135 16.99 18.98 4.68
C ARG A 135 18.10 17.92 4.44
N PRO A 136 18.04 16.83 5.18
CA PRO A 136 19.04 15.78 5.00
C PRO A 136 19.00 15.19 3.61
N ALA A 137 20.14 14.70 3.18
CA ALA A 137 20.27 14.03 1.89
C ALA A 137 20.82 12.62 2.13
N TRP A 138 20.28 11.63 1.38
CA TRP A 138 20.68 10.25 1.55
C TRP A 138 21.02 9.68 0.18
N SER A 139 22.08 8.91 0.16
CA SER A 139 22.56 8.26 -1.05
C SER A 139 22.60 6.74 -0.98
N LEU A 140 22.62 6.18 -2.17
CA LEU A 140 22.82 4.74 -2.40
C LEU A 140 24.28 4.50 -2.78
N THR A 141 24.84 3.44 -2.20
CA THR A 141 26.22 3.01 -2.43
C THR A 141 26.22 1.48 -2.41
N PRO A 142 27.39 0.83 -2.66
CA PRO A 142 27.39 -0.62 -2.56
C PRO A 142 26.97 -1.15 -1.19
N SER A 143 27.29 -0.43 -0.12
CA SER A 143 26.88 -0.88 1.21
C SER A 143 25.42 -0.49 1.56
N ALA A 144 24.82 0.39 0.76
CA ALA A 144 23.43 0.80 0.94
C ALA A 144 22.78 0.84 -0.44
N PRO A 145 22.52 -0.33 -1.00
CA PRO A 145 22.10 -0.38 -2.38
C PRO A 145 20.64 -0.03 -2.65
N GLY A 146 20.33 0.21 -3.93
CA GLY A 146 18.95 0.51 -4.34
C GLY A 146 18.78 0.31 -5.82
N SER A 147 18.58 -0.95 -6.21
CA SER A 147 18.51 -1.30 -7.62
C SER A 147 17.29 -0.76 -8.32
N ASP A 148 16.24 -0.54 -7.51
CA ASP A 148 15.00 0.04 -7.96
C ASP A 148 15.17 1.54 -8.33
N LEU A 149 15.56 2.36 -7.35
CA LEU A 149 15.76 3.78 -7.61
C LEU A 149 16.83 3.99 -8.66
N ALA A 150 17.95 3.27 -8.51
CA ALA A 150 19.01 3.45 -9.49
C ALA A 150 18.62 2.95 -10.88
N GLY A 151 17.99 1.79 -10.96
CA GLY A 151 17.53 1.29 -12.25
C GLY A 151 16.58 2.22 -12.95
N GLU A 152 15.67 2.83 -12.17
CA GLU A 152 14.76 3.81 -12.75
C GLU A 152 15.45 5.09 -13.19
N THR A 153 16.45 5.53 -12.42
CA THR A 153 17.22 6.69 -12.79
C THR A 153 17.99 6.44 -14.08
N ALA A 154 18.54 5.23 -14.22
CA ALA A 154 19.20 4.87 -15.45
C ALA A 154 18.22 4.86 -16.63
N ALA A 155 17.01 4.32 -16.38
CA ALA A 155 16.01 4.27 -17.42
C ALA A 155 15.67 5.66 -17.92
N ALA A 156 15.49 6.59 -16.98
CA ALA A 156 15.11 7.94 -17.38
C ALA A 156 16.22 8.59 -18.26
N LEU A 157 17.46 8.41 -17.81
CA LEU A 157 18.61 8.98 -18.54
C LEU A 157 18.75 8.31 -19.92
N ALA A 158 18.59 7.00 -19.96
CA ALA A 158 18.69 6.29 -21.25
C ALA A 158 17.58 6.71 -22.20
N ALA A 159 16.35 6.81 -21.68
CA ALA A 159 15.24 7.30 -22.48
C ALA A 159 15.54 8.73 -22.94
N GLY A 160 16.05 9.55 -22.03
CA GLY A 160 16.45 10.89 -22.39
C GLY A 160 17.47 10.94 -23.52
N SER A 161 18.41 10.01 -23.50
CA SER A 161 19.44 9.98 -24.56
C SER A 161 18.79 9.78 -25.94
N ILE A 162 17.75 8.97 -25.98
CA ILE A 162 17.01 8.73 -27.24
C ILE A 162 16.29 9.98 -27.65
N LEU A 163 15.56 10.59 -26.71
CA LEU A 163 14.78 11.77 -27.02
C LEU A 163 15.63 12.93 -27.55
N PHE A 164 16.79 13.14 -26.91
CA PHE A 164 17.63 14.29 -27.21
C PHE A 164 18.69 14.06 -28.29
N SER A 165 18.83 12.82 -28.77
CA SER A 165 19.92 12.53 -29.70
C SER A 165 19.96 13.46 -30.91
N ASP A 166 18.80 13.69 -31.52
CA ASP A 166 18.75 14.50 -32.77
C ASP A 166 18.99 15.99 -32.53
N SER A 167 18.38 16.55 -31.51
CA SER A 167 18.43 18.00 -31.27
C SER A 167 19.63 18.45 -30.45
N ASP A 168 20.19 17.55 -29.64
CA ASP A 168 21.25 17.92 -28.69
C ASP A 168 22.09 16.68 -28.37
N ALA A 169 22.92 16.34 -29.35
CA ALA A 169 23.75 15.17 -29.28
C ALA A 169 24.67 15.18 -28.07
N SER A 170 25.30 16.32 -27.73
CA SER A 170 26.24 16.35 -26.59
CA SER A 170 26.26 16.25 -26.63
C SER A 170 25.51 16.02 -25.30
N TYR A 171 24.32 16.61 -25.15
CA TYR A 171 23.49 16.32 -23.96
C TYR A 171 23.11 14.83 -23.93
N ALA A 172 22.67 14.30 -25.07
CA ALA A 172 22.31 12.89 -25.13
C ALA A 172 23.46 11.98 -24.72
N ASN A 173 24.69 12.36 -25.10
N ASN A 173 24.67 12.29 -25.20
CA ASN A 173 25.89 11.67 -24.65
CA ASN A 173 25.81 11.45 -24.92
C ASN A 173 26.11 11.74 -23.17
C ASN A 173 26.15 11.43 -23.43
N GLN A 174 25.93 12.93 -22.58
N GLN A 174 26.00 12.61 -22.77
CA GLN A 174 26.10 13.03 -21.16
CA GLN A 174 26.20 12.75 -21.31
C GLN A 174 25.10 12.11 -20.45
C GLN A 174 25.13 11.97 -20.52
N LEU A 175 23.87 12.12 -20.93
CA LEU A 175 22.80 11.33 -20.31
C LEU A 175 23.13 9.84 -20.38
N LEU A 176 23.55 9.38 -21.56
CA LEU A 176 23.80 7.96 -21.75
C LEU A 176 24.98 7.48 -20.95
N ASP A 177 26.01 8.31 -20.85
CA ASP A 177 27.19 7.94 -20.07
C ASP A 177 26.77 7.68 -18.63
N HIS A 178 25.95 8.60 -18.05
CA HIS A 178 25.47 8.39 -16.68
C HIS A 178 24.56 7.19 -16.62
N ALA A 179 23.70 6.99 -17.61
CA ALA A 179 22.75 5.87 -17.55
C ALA A 179 23.48 4.53 -17.49
N ARG A 180 24.54 4.41 -18.27
CA ARG A 180 25.31 3.15 -18.26
C ARG A 180 25.89 2.87 -16.89
N THR A 181 26.53 3.89 -16.32
CA THR A 181 27.22 3.73 -15.04
C THR A 181 26.24 3.49 -13.90
N ILE A 182 25.13 4.21 -13.93
CA ILE A 182 24.11 4.04 -12.88
C ILE A 182 23.45 2.66 -13.00
N TYR A 183 23.21 2.17 -14.23
CA TYR A 183 22.61 0.86 -14.37
C TYR A 183 23.60 -0.23 -13.85
N ASP A 184 24.88 -0.09 -14.15
CA ASP A 184 25.90 -1.03 -13.62
C ASP A 184 25.84 -1.06 -12.10
N PHE A 185 25.69 0.12 -11.49
CA PHE A 185 25.56 0.19 -10.05
C PHE A 185 24.35 -0.57 -9.56
N ALA A 186 23.23 -0.36 -10.24
CA ALA A 186 21.98 -1.04 -9.89
C ALA A 186 22.06 -2.54 -10.02
N TYR A 187 22.67 -2.97 -11.12
CA TYR A 187 22.74 -4.40 -11.41
C TYR A 187 23.78 -5.13 -10.54
N ASN A 188 24.85 -4.45 -10.20
CA ASN A 188 25.94 -5.10 -9.47
C ASN A 188 25.75 -5.06 -7.97
N ASN A 189 24.84 -4.22 -7.48
CA ASN A 189 24.64 -4.02 -6.05
C ASN A 189 23.15 -4.11 -5.79
N ARG A 190 22.70 -5.28 -5.36
CA ARG A 190 21.28 -5.56 -5.32
C ARG A 190 20.66 -5.20 -3.98
N GLY A 191 19.52 -4.48 -4.03
CA GLY A 191 18.76 -4.20 -2.81
C GLY A 191 17.63 -3.22 -3.09
N ILE A 192 16.79 -3.08 -2.08
CA ILE A 192 15.59 -2.21 -2.09
C ILE A 192 16.02 -0.86 -1.53
N TYR A 193 15.82 0.20 -2.30
CA TYR A 193 16.34 1.51 -1.87
C TYR A 193 15.72 2.00 -0.60
N SER A 194 14.46 1.63 -0.34
CA SER A 194 13.74 2.13 0.82
C SER A 194 14.12 1.37 2.10
N GLU A 195 14.95 0.35 1.96
CA GLU A 195 15.68 -0.27 3.08
C GLU A 195 16.94 0.49 3.34
N SER A 196 17.64 0.91 2.29
CA SER A 196 18.85 1.70 2.40
C SER A 196 18.63 3.13 2.82
N ILE A 197 17.49 3.67 2.44
CA ILE A 197 17.04 5.05 2.82
C ILE A 197 15.71 4.84 3.53
N PRO A 198 15.75 4.46 4.80
CA PRO A 198 14.50 4.08 5.46
C PRO A 198 13.51 5.18 5.65
N ASN A 199 13.96 6.45 5.56
CA ASN A 199 12.98 7.54 5.63
C ASN A 199 11.93 7.36 4.51
N ALA A 200 12.34 6.81 3.36
CA ALA A 200 11.43 6.69 2.22
C ALA A 200 10.39 5.62 2.40
N ALA A 201 10.59 4.72 3.35
CA ALA A 201 9.72 3.57 3.52
C ALA A 201 8.31 3.87 3.99
N ASP A 202 8.04 5.12 4.42
CA ASP A 202 6.69 5.57 4.77
C ASP A 202 5.99 6.31 3.67
N PHE A 203 6.69 6.54 2.55
CA PHE A 203 6.20 7.43 1.50
C PHE A 203 6.19 6.76 0.13
N TYR A 204 7.34 6.16 -0.24
CA TYR A 204 7.54 5.51 -1.51
C TYR A 204 8.25 4.19 -1.26
N ARG A 205 7.61 3.33 -0.47
CA ARG A 205 8.11 2.00 -0.18
C ARG A 205 8.17 1.20 -1.49
N SER A 206 9.34 0.66 -1.81
CA SER A 206 9.48 -0.17 -3.01
C SER A 206 9.09 -1.60 -2.73
N SER A 207 8.23 -2.16 -3.58
CA SER A 207 7.81 -3.55 -3.41
C SER A 207 8.79 -4.57 -3.99
N ALA A 208 9.62 -4.15 -4.93
CA ALA A 208 10.54 -5.07 -5.62
C ALA A 208 11.43 -4.22 -6.51
N TYR A 209 12.64 -4.72 -6.79
CA TYR A 209 13.53 -4.07 -7.71
C TYR A 209 13.79 -4.75 -9.03
N GLU A 210 13.42 -6.01 -9.18
N GLU A 210 13.42 -6.02 -9.14
CA GLU A 210 13.79 -6.70 -10.43
CA GLU A 210 13.69 -6.78 -10.37
C GLU A 210 13.04 -6.12 -11.63
C GLU A 210 13.03 -6.12 -11.60
N ASP A 211 11.85 -5.55 -11.39
CA ASP A 211 11.14 -4.89 -12.48
C ASP A 211 11.85 -3.66 -12.98
N GLU A 212 12.52 -2.92 -12.08
CA GLU A 212 13.37 -1.79 -12.54
C GLU A 212 14.63 -2.28 -13.26
N LEU A 213 15.19 -3.42 -12.81
CA LEU A 213 16.34 -3.97 -13.54
C LEU A 213 15.93 -4.35 -14.98
N CYS A 214 14.74 -4.92 -15.16
CA CYS A 214 14.24 -5.20 -16.52
C CYS A 214 14.06 -3.92 -17.34
N TRP A 215 13.29 -3.02 -16.72
CA TRP A 215 12.94 -1.76 -17.37
C TRP A 215 14.16 -0.94 -17.77
N GLY A 216 15.09 -0.77 -16.84
CA GLY A 216 16.30 -0.06 -17.18
C GLY A 216 17.13 -0.71 -18.27
N ALA A 217 17.22 -2.06 -18.22
CA ALA A 217 17.94 -2.76 -19.28
C ALA A 217 17.28 -2.55 -20.63
N LEU A 218 15.95 -2.59 -20.65
CA LEU A 218 15.26 -2.39 -21.93
C LEU A 218 15.50 -1.03 -22.52
N TRP A 219 15.44 -0.01 -21.63
CA TRP A 219 15.70 1.32 -22.11
C TRP A 219 17.16 1.47 -22.60
N LEU A 220 18.11 0.87 -21.88
CA LEU A 220 19.49 0.90 -22.35
C LEU A 220 19.68 0.09 -23.65
N TYR A 221 18.93 -1.00 -23.82
CA TYR A 221 18.95 -1.70 -25.10
C TYR A 221 18.45 -0.79 -26.19
N ARG A 222 17.34 -0.10 -25.91
CA ARG A 222 16.76 0.79 -26.91
C ARG A 222 17.72 1.92 -27.26
N ALA A 223 18.41 2.42 -26.25
CA ALA A 223 19.32 3.53 -26.42
C ALA A 223 20.65 3.20 -27.09
N THR A 224 21.07 1.96 -26.97
CA THR A 224 22.43 1.54 -27.41
C THR A 224 22.45 0.52 -28.49
N GLY A 225 21.39 -0.29 -28.62
CA GLY A 225 21.46 -1.45 -29.51
C GLY A 225 22.29 -2.62 -29.02
N GLU A 226 22.84 -2.54 -27.81
CA GLU A 226 23.83 -3.54 -27.32
C GLU A 226 23.12 -4.75 -26.74
N GLN A 227 23.34 -5.91 -27.37
CA GLN A 227 22.66 -7.13 -27.03
C GLN A 227 22.77 -7.45 -25.54
N ASP A 228 23.90 -7.12 -24.91
CA ASP A 228 24.02 -7.48 -23.50
C ASP A 228 22.87 -6.92 -22.63
N TYR A 229 22.33 -5.77 -23.01
CA TYR A 229 21.18 -5.21 -22.28
C TYR A 229 19.92 -6.03 -22.45
N MET A 230 19.68 -6.59 -23.64
CA MET A 230 18.56 -7.50 -23.79
C MET A 230 18.77 -8.77 -22.99
N ASP A 231 20.03 -9.27 -22.96
CA ASP A 231 20.33 -10.45 -22.16
C ASP A 231 20.03 -10.16 -20.66
N LYS A 232 20.40 -8.98 -20.20
CA LYS A 232 20.07 -8.56 -18.86
C LYS A 232 18.57 -8.43 -18.62
N ALA A 233 17.84 -7.84 -19.56
CA ALA A 233 16.39 -7.74 -19.46
C ALA A 233 15.78 -9.13 -19.34
N ASN A 234 16.34 -10.08 -20.12
CA ASN A 234 15.83 -11.45 -20.09
C ASN A 234 16.06 -12.19 -18.78
N GLU A 235 16.87 -11.64 -17.89
CA GLU A 235 17.05 -12.22 -16.56
C GLU A 235 15.90 -11.82 -15.60
N PHE A 236 15.11 -10.83 -15.97
CA PHE A 236 14.15 -10.18 -15.05
C PHE A 236 12.80 -10.00 -15.74
N LEU A 237 12.39 -10.92 -16.59
CA LEU A 237 11.17 -10.74 -17.36
C LEU A 237 9.93 -10.70 -16.46
N PRO A 238 8.95 -9.86 -16.78
CA PRO A 238 7.75 -9.80 -15.96
C PRO A 238 7.09 -11.16 -15.84
N GLN A 239 6.63 -11.48 -14.65
CA GLN A 239 5.95 -12.70 -14.35
C GLN A 239 4.53 -12.38 -13.99
N GLY A 240 3.59 -13.03 -14.66
CA GLY A 240 2.20 -12.82 -14.37
C GLY A 240 1.67 -11.48 -14.82
N ARG A 241 0.47 -11.15 -14.33
CA ARG A 241 -0.18 -9.92 -14.76
C ARG A 241 0.23 -8.78 -13.81
N PRO A 242 0.69 -7.65 -14.37
CA PRO A 242 0.92 -6.48 -13.53
C PRO A 242 -0.34 -6.02 -12.82
N TRP A 243 -0.25 -5.62 -11.55
CA TRP A 243 -1.40 -5.08 -10.80
C TRP A 243 -1.82 -3.71 -11.35
N ALA A 244 -0.83 -2.90 -11.69
CA ALA A 244 -1.04 -1.58 -12.28
C ALA A 244 0.32 -1.15 -12.83
N PHE A 245 0.37 -0.06 -13.55
CA PHE A 245 1.61 0.61 -13.95
C PHE A 245 1.76 1.82 -13.06
N SER A 246 2.93 2.04 -12.47
CA SER A 246 3.11 3.14 -11.52
C SER A 246 4.57 3.36 -11.26
N TRP A 247 4.89 4.32 -10.38
CA TRP A 247 6.22 4.53 -9.90
C TRP A 247 6.85 3.31 -9.23
N ASP A 248 6.04 2.40 -8.74
CA ASP A 248 6.51 1.22 -8.02
C ASP A 248 6.71 0.02 -8.96
N SER A 249 5.74 -0.20 -9.86
N SER A 249 5.83 -0.11 -9.95
CA SER A 249 5.69 -1.38 -10.75
CA SER A 249 5.74 -1.32 -10.75
C SER A 249 5.92 -1.03 -12.19
C SER A 249 5.93 -1.03 -12.21
N LYS A 250 7.03 -1.53 -12.76
CA LYS A 250 7.37 -1.24 -14.14
C LYS A 250 6.93 -2.29 -15.15
N GLU A 251 6.45 -3.42 -14.66
CA GLU A 251 6.22 -4.56 -15.55
C GLU A 251 5.38 -4.22 -16.77
N ALA A 252 4.24 -3.51 -16.60
CA ALA A 252 3.39 -3.22 -17.76
C ALA A 252 4.13 -2.40 -18.80
N GLY A 253 5.02 -1.48 -18.35
CA GLY A 253 5.82 -0.73 -19.28
C GLY A 253 6.81 -1.63 -20.01
N SER A 254 7.49 -2.49 -19.24
CA SER A 254 8.37 -3.45 -19.88
C SER A 254 7.63 -4.33 -20.86
N LEU A 255 6.39 -4.71 -20.59
CA LEU A 255 5.65 -5.51 -21.54
C LEU A 255 5.47 -4.81 -22.87
N VAL A 256 5.19 -3.50 -22.85
CA VAL A 256 5.09 -2.79 -24.12
C VAL A 256 6.44 -2.80 -24.87
N LEU A 257 7.51 -2.46 -24.16
CA LEU A 257 8.82 -2.45 -24.80
C LEU A 257 9.20 -3.83 -25.35
N LEU A 258 8.99 -4.86 -24.52
CA LEU A 258 9.29 -6.25 -24.97
C LEU A 258 8.44 -6.60 -26.21
N THR A 259 7.15 -6.25 -26.20
CA THR A 259 6.28 -6.46 -27.37
C THR A 259 6.87 -5.75 -28.59
N SER A 260 7.35 -4.52 -28.43
CA SER A 260 7.92 -3.79 -29.53
C SER A 260 9.17 -4.48 -30.11
N PHE A 261 9.88 -5.23 -29.29
CA PHE A 261 11.04 -5.96 -29.72
C PHE A 261 10.75 -7.36 -30.17
N GLY A 262 9.48 -7.76 -30.24
CA GLY A 262 9.07 -9.07 -30.70
C GLY A 262 8.98 -10.20 -29.70
N ASN A 263 8.91 -9.89 -28.41
CA ASN A 263 8.76 -10.92 -27.39
C ASN A 263 7.31 -11.39 -27.36
N SER A 264 7.07 -12.63 -27.75
CA SER A 264 5.72 -13.14 -27.90
CA SER A 264 5.76 -13.21 -27.91
C SER A 264 5.03 -13.36 -26.58
N ASN A 265 5.76 -13.84 -25.58
CA ASN A 265 5.15 -14.03 -24.28
C ASN A 265 4.65 -12.68 -23.75
N ALA A 266 5.49 -11.67 -23.92
CA ALA A 266 5.15 -10.33 -23.40
C ALA A 266 3.93 -9.78 -24.08
N ARG A 267 3.77 -10.01 -25.38
CA ARG A 267 2.60 -9.53 -26.10
C ARG A 267 1.34 -10.15 -25.53
N ALA A 268 1.36 -11.44 -25.27
CA ALA A 268 0.20 -12.12 -24.67
C ALA A 268 -0.08 -11.61 -23.25
N GLN A 269 0.98 -11.36 -22.47
CA GLN A 269 0.82 -10.80 -21.14
C GLN A 269 0.23 -9.40 -21.20
N LEU A 270 0.61 -8.63 -22.20
CA LEU A 270 0.10 -7.28 -22.36
C LEU A 270 -1.38 -7.31 -22.71
N GLU A 271 -1.78 -8.22 -23.59
CA GLU A 271 -3.21 -8.44 -23.88
C GLU A 271 -3.97 -8.80 -22.62
N ASP A 272 -3.41 -9.70 -21.80
CA ASP A 272 -4.10 -10.10 -20.60
C ASP A 272 -4.24 -8.95 -19.56
N PHE A 273 -3.22 -8.10 -19.51
CA PHE A 273 -3.30 -6.91 -18.66
C PHE A 273 -4.38 -6.00 -19.15
N LEU A 274 -4.38 -5.65 -20.43
CA LEU A 274 -5.31 -4.65 -20.94
C LEU A 274 -6.76 -5.13 -20.82
N GLN A 275 -7.02 -6.36 -21.20
CA GLN A 275 -8.39 -6.84 -21.16
C GLN A 275 -8.99 -6.73 -19.76
N SER A 276 -8.17 -6.84 -18.72
N SER A 276 -8.16 -6.85 -18.73
CA SER A 276 -8.68 -6.71 -17.36
CA SER A 276 -8.66 -6.80 -17.40
C SER A 276 -9.18 -5.31 -17.07
C SER A 276 -9.05 -5.38 -16.98
N TRP A 277 -8.49 -4.35 -17.65
CA TRP A 277 -8.82 -2.96 -17.43
C TRP A 277 -9.98 -2.45 -18.25
N PHE A 278 -10.27 -3.08 -19.36
CA PHE A 278 -11.43 -2.75 -20.19
C PHE A 278 -12.70 -3.06 -19.41
N PRO A 279 -13.83 -2.47 -19.84
CA PRO A 279 -15.09 -2.81 -19.15
C PRO A 279 -15.32 -4.33 -19.11
N GLY A 280 -15.82 -4.83 -18.00
CA GLY A 280 -16.13 -6.22 -17.90
C GLY A 280 -14.93 -7.12 -17.62
N GLY A 281 -13.84 -6.51 -17.16
CA GLY A 281 -12.66 -7.19 -16.74
C GLY A 281 -12.59 -7.42 -15.26
N ASP A 282 -11.38 -7.40 -14.71
CA ASP A 282 -11.19 -7.63 -13.27
C ASP A 282 -11.02 -6.33 -12.47
N ILE A 283 -10.83 -5.21 -13.15
CA ILE A 283 -10.72 -3.94 -12.50
C ILE A 283 -12.13 -3.42 -12.24
N HIS A 284 -12.36 -2.95 -11.02
CA HIS A 284 -13.64 -2.33 -10.67
C HIS A 284 -13.91 -1.11 -11.56
N TYR A 285 -15.17 -0.96 -11.99
CA TYR A 285 -15.60 0.25 -12.65
C TYR A 285 -16.59 0.94 -11.72
N THR A 286 -16.40 2.24 -11.56
CA THR A 286 -17.39 3.05 -10.87
C THR A 286 -18.61 3.18 -11.73
N PRO A 287 -19.76 3.56 -11.15
CA PRO A 287 -20.95 3.68 -12.00
C PRO A 287 -20.80 4.69 -13.16
N LEU A 288 -20.00 5.74 -12.98
CA LEU A 288 -19.76 6.73 -14.01
C LEU A 288 -18.54 6.43 -14.89
N GLY A 289 -17.98 5.22 -14.77
CA GLY A 289 -17.09 4.71 -15.82
C GLY A 289 -15.61 4.81 -15.60
N LEU A 290 -15.18 5.10 -14.36
CA LEU A 290 -13.75 5.13 -14.05
C LEU A 290 -13.30 3.70 -13.73
N ALA A 291 -12.21 3.30 -14.39
CA ALA A 291 -11.50 2.05 -14.10
C ALA A 291 -10.68 2.34 -12.85
N TRP A 292 -11.14 1.74 -11.75
CA TRP A 292 -10.75 2.16 -10.39
C TRP A 292 -9.91 1.08 -9.74
N ARG A 293 -8.65 1.42 -9.48
CA ARG A 293 -7.68 0.43 -8.96
C ARG A 293 -7.51 0.46 -7.45
N ASP A 294 -7.67 1.64 -6.85
CA ASP A 294 -7.25 1.85 -5.45
C ASP A 294 -7.85 3.12 -4.93
N THR A 295 -7.94 3.16 -3.60
CA THR A 295 -8.35 4.35 -2.87
C THR A 295 -7.50 5.59 -3.16
N TRP A 296 -6.20 5.32 -3.28
N TRP A 296 -6.19 5.42 -3.23
CA TRP A 296 -5.12 6.32 -3.35
CA TRP A 296 -5.31 6.61 -3.25
C TRP A 296 -4.75 6.65 -4.79
C TRP A 296 -4.74 6.73 -4.66
N GLY A 297 -4.98 7.88 -5.25
CA GLY A 297 -4.58 8.18 -6.60
C GLY A 297 -5.28 7.33 -7.66
N SER A 298 -6.58 7.22 -7.54
CA SER A 298 -7.35 6.42 -8.48
C SER A 298 -7.21 6.96 -9.91
N LEU A 299 -7.20 8.28 -10.09
CA LEU A 299 -7.10 8.81 -11.43
C LEU A 299 -5.69 8.53 -12.02
N ARG A 300 -4.64 8.67 -11.20
CA ARG A 300 -3.30 8.30 -11.60
C ARG A 300 -3.22 6.87 -12.12
N TYR A 301 -3.81 5.91 -11.41
CA TYR A 301 -3.69 4.52 -11.88
C TYR A 301 -4.38 4.34 -13.20
N SER A 302 -5.55 4.96 -13.36
CA SER A 302 -6.28 4.89 -14.62
C SER A 302 -5.54 5.55 -15.76
N ALA A 303 -4.98 6.73 -15.51
CA ALA A 303 -4.21 7.42 -16.52
C ALA A 303 -2.97 6.63 -16.93
N ASN A 304 -2.33 6.01 -15.94
CA ASN A 304 -1.17 5.18 -16.27
C ASN A 304 -1.55 4.03 -17.17
N SER A 305 -2.69 3.37 -16.89
CA SER A 305 -3.18 2.33 -17.81
C SER A 305 -3.63 2.86 -19.15
N ALA A 306 -4.20 4.05 -19.20
CA ALA A 306 -4.55 4.67 -20.45
C ALA A 306 -3.31 4.89 -21.33
N PHE A 307 -2.24 5.36 -20.71
CA PHE A 307 -0.99 5.60 -21.43
C PHE A 307 -0.43 4.26 -21.96
N ILE A 308 -0.38 3.23 -21.12
CA ILE A 308 0.04 1.89 -21.60
C ILE A 308 -0.84 1.44 -22.74
N ALA A 309 -2.16 1.63 -22.62
CA ALA A 309 -3.09 1.19 -23.66
C ALA A 309 -2.82 1.89 -24.97
N LEU A 310 -2.54 3.18 -24.95
CA LEU A 310 -2.28 3.90 -26.19
C LEU A 310 -0.98 3.43 -26.83
N LEU A 311 0.05 3.22 -26.02
CA LEU A 311 1.30 2.71 -26.53
C LEU A 311 1.15 1.28 -27.07
N ALA A 312 0.41 0.45 -26.38
CA ALA A 312 0.16 -0.92 -26.83
C ALA A 312 -0.61 -0.89 -28.16
N ALA A 313 -1.54 0.05 -28.32
CA ALA A 313 -2.26 0.18 -29.56
C ALA A 313 -1.35 0.50 -30.74
N GLU A 314 -0.34 1.31 -30.50
CA GLU A 314 0.68 1.55 -31.51
C GLU A 314 1.45 0.30 -31.93
N GLU A 315 1.48 -0.73 -31.10
CA GLU A 315 2.12 -2.03 -31.43
C GLU A 315 1.11 -3.01 -31.99
N GLY A 316 -0.09 -2.53 -32.30
CA GLY A 316 -1.11 -3.36 -32.84
C GLY A 316 -1.80 -4.26 -31.85
N VAL A 317 -1.70 -3.94 -30.56
CA VAL A 317 -2.29 -4.80 -29.50
C VAL A 317 -3.66 -4.24 -29.15
N LEU A 318 -4.71 -5.01 -29.44
CA LEU A 318 -6.08 -4.67 -29.06
C LEU A 318 -6.40 -3.25 -29.45
N THR A 319 -6.02 -2.86 -30.66
CA THR A 319 -5.81 -1.44 -30.97
C THR A 319 -7.02 -0.56 -30.72
N SER A 320 -8.15 -0.84 -31.35
CA SER A 320 -9.33 0.03 -31.22
CA SER A 320 -9.31 0.04 -31.24
C SER A 320 -9.86 0.04 -29.80
N GLN A 321 -9.96 -1.12 -29.20
CA GLN A 321 -10.52 -1.20 -27.85
C GLN A 321 -9.64 -0.49 -26.86
N ALA A 322 -8.34 -0.56 -27.04
CA ALA A 322 -7.38 0.12 -26.19
C ALA A 322 -7.56 1.62 -26.29
N ARG A 323 -7.74 2.12 -27.50
CA ARG A 323 -7.94 3.56 -27.72
C ARG A 323 -9.27 4.02 -27.17
N THR A 324 -10.28 3.17 -27.26
CA THR A 324 -11.60 3.51 -26.68
C THR A 324 -11.47 3.61 -25.19
N PHE A 325 -10.83 2.64 -24.57
CA PHE A 325 -10.58 2.66 -23.12
C PHE A 325 -9.82 3.92 -22.72
N ALA A 326 -8.75 4.21 -23.41
CA ALA A 326 -7.92 5.35 -22.98
C ALA A 326 -8.73 6.64 -23.05
N ARG A 327 -9.52 6.82 -24.13
CA ARG A 327 -10.34 8.01 -24.26
C ARG A 327 -11.38 8.08 -23.16
N ALA A 328 -12.03 6.98 -22.83
CA ALA A 328 -13.04 6.99 -21.79
C ALA A 328 -12.44 7.42 -20.45
N GLN A 329 -11.25 6.96 -20.14
CA GLN A 329 -10.62 7.28 -18.89
C GLN A 329 -10.19 8.74 -18.85
N LEU A 330 -9.55 9.22 -19.90
N LEU A 330 -9.56 9.20 -19.91
CA LEU A 330 -9.17 10.63 -19.92
CA LEU A 330 -9.18 10.61 -20.01
C LEU A 330 -10.40 11.54 -19.92
C LEU A 330 -10.41 11.51 -19.91
N ASP A 331 -11.49 11.14 -20.61
CA ASP A 331 -12.69 11.96 -20.58
C ASP A 331 -13.29 12.01 -19.19
N TYR A 332 -13.18 10.92 -18.39
CA TYR A 332 -13.60 10.97 -17.00
C TYR A 332 -12.81 12.04 -16.23
N MET A 333 -11.51 12.06 -16.44
CA MET A 333 -10.65 13.03 -15.79
C MET A 333 -10.98 14.47 -16.18
N LEU A 334 -11.35 14.68 -17.43
CA LEU A 334 -11.53 16.02 -17.98
C LEU A 334 -12.90 16.59 -17.76
N GLY A 335 -13.94 15.74 -17.67
CA GLY A 335 -15.27 16.24 -17.57
C GLY A 335 -16.50 15.39 -17.76
N SER A 336 -16.38 14.10 -18.05
CA SER A 336 -17.56 13.33 -18.42
C SER A 336 -18.58 13.19 -17.29
N THR A 337 -18.17 13.35 -16.04
CA THR A 337 -19.09 13.30 -14.90
C THR A 337 -19.77 14.65 -14.66
N GLY A 338 -19.38 15.68 -15.42
CA GLY A 338 -19.94 17.01 -15.22
C GLY A 338 -18.99 17.98 -14.55
N ARG A 339 -17.82 17.52 -14.11
CA ARG A 339 -16.81 18.38 -13.58
C ARG A 339 -15.44 17.84 -13.92
N SER A 340 -14.48 18.74 -13.99
CA SER A 340 -13.07 18.42 -14.20
C SER A 340 -12.34 18.01 -12.93
N PHE A 341 -11.39 17.08 -13.08
CA PHE A 341 -10.49 16.67 -12.03
C PHE A 341 -9.08 17.24 -12.26
N VAL A 342 -8.96 18.19 -13.20
CA VAL A 342 -7.70 18.81 -13.56
C VAL A 342 -7.75 20.27 -13.07
N VAL A 343 -6.87 20.57 -12.14
CA VAL A 343 -6.81 21.93 -11.59
C VAL A 343 -6.65 22.96 -12.70
N GLY A 344 -7.41 24.05 -12.62
CA GLY A 344 -7.31 25.10 -13.60
C GLY A 344 -7.88 24.83 -14.96
N PHE A 345 -8.62 23.73 -15.09
CA PHE A 345 -9.14 23.34 -16.40
C PHE A 345 -10.60 22.98 -16.32
N GLY A 346 -11.32 23.39 -17.37
CA GLY A 346 -12.65 22.82 -17.60
C GLY A 346 -13.76 23.32 -16.66
N THR A 347 -14.81 22.53 -16.52
CA THR A 347 -15.95 22.93 -15.74
C THR A 347 -15.78 22.51 -14.28
N ASN A 348 -15.89 23.46 -13.36
N ASN A 348 -15.95 23.47 -13.38
CA ASN A 348 -15.85 23.16 -11.93
CA ASN A 348 -15.81 23.26 -11.95
C ASN A 348 -14.61 22.33 -11.55
C ASN A 348 -14.63 22.39 -11.56
N PRO A 349 -13.42 22.82 -11.90
CA PRO A 349 -12.19 22.09 -11.50
C PRO A 349 -11.98 22.11 -10.00
N PRO A 350 -11.13 21.22 -9.51
CA PRO A 350 -10.78 21.31 -8.08
C PRO A 350 -10.19 22.68 -7.77
N LEU A 351 -10.60 23.23 -6.62
CA LEU A 351 -10.19 24.55 -6.17
C LEU A 351 -9.23 24.49 -5.02
N ARG A 352 -9.13 23.35 -4.36
CA ARG A 352 -8.34 23.26 -3.14
C ARG A 352 -7.42 22.02 -3.14
N PRO A 353 -6.66 21.78 -4.22
CA PRO A 353 -5.72 20.66 -4.16
C PRO A 353 -4.75 20.83 -3.00
N HIS A 354 -4.32 19.70 -2.42
CA HIS A 354 -3.42 19.64 -1.28
C HIS A 354 -2.01 19.98 -1.72
N HIS A 355 -1.67 21.25 -1.68
CA HIS A 355 -0.39 21.74 -2.21
C HIS A 355 0.00 22.95 -1.42
N ARG A 356 1.14 22.88 -0.76
CA ARG A 356 1.58 23.95 0.10
C ARG A 356 1.68 25.29 -0.64
N ALA A 357 2.47 25.38 -1.66
CA ALA A 357 2.66 26.67 -2.30
C ALA A 357 1.39 27.22 -2.91
N ALA A 358 0.59 26.38 -3.52
CA ALA A 358 -0.66 26.90 -4.15
C ALA A 358 -1.68 27.40 -3.10
N SER A 359 -1.56 26.89 -1.88
CA SER A 359 -2.46 27.30 -0.79
C SER A 359 -2.13 28.66 -0.22
N CYS A 360 -0.96 29.20 -0.55
CA CYS A 360 -0.50 30.44 0.08
C CYS A 360 -1.04 31.67 -0.66
N PRO A 361 -1.36 32.73 0.12
CA PRO A 361 -1.68 34.01 -0.53
C PRO A 361 -0.52 34.58 -1.33
N ASP A 362 -0.79 35.64 -2.06
CA ASP A 362 0.29 36.32 -2.77
C ASP A 362 1.32 36.84 -1.79
N MET A 363 2.57 36.79 -2.18
CA MET A 363 3.62 37.54 -1.48
C MET A 363 3.22 39.00 -1.41
N PRO A 364 3.54 39.70 -0.31
CA PRO A 364 4.39 39.29 0.80
C PRO A 364 3.64 38.75 2.01
N ALA A 365 2.39 38.39 1.86
CA ALA A 365 1.62 37.92 3.03
C ALA A 365 2.21 36.67 3.62
N SER A 366 2.09 36.50 4.92
CA SER A 366 2.58 35.29 5.58
C SER A 366 1.77 34.07 5.15
N CYS A 367 2.45 32.93 5.13
CA CYS A 367 1.82 31.64 4.83
CA CYS A 367 1.82 31.64 4.82
C CYS A 367 2.25 30.62 5.85
N GLY A 368 1.31 29.94 6.47
CA GLY A 368 1.58 28.96 7.52
C GLY A 368 0.44 27.97 7.62
N TRP A 369 0.34 27.27 8.74
CA TRP A 369 -0.64 26.22 8.92
C TRP A 369 -2.09 26.67 8.74
N ASP A 370 -2.40 27.93 8.97
CA ASP A 370 -3.77 28.39 8.69
C ASP A 370 -4.18 28.15 7.24
N GLN A 371 -3.22 28.20 6.33
CA GLN A 371 -3.51 27.99 4.92
C GLN A 371 -3.84 26.56 4.58
N ALA A 372 -3.45 25.62 5.42
CA ALA A 372 -3.75 24.21 5.15
C ALA A 372 -5.23 23.89 5.24
N SER A 373 -5.91 24.54 6.20
CA SER A 373 -7.27 24.17 6.57
C SER A 373 -8.33 25.19 6.12
N ASP A 374 -7.93 26.21 5.39
CA ASP A 374 -8.84 27.27 4.99
C ASP A 374 -9.87 26.72 4.02
N PRO A 375 -11.17 26.92 4.26
CA PRO A 375 -12.19 26.46 3.31
C PRO A 375 -12.27 27.24 2.03
N ALA A 376 -11.58 28.39 1.94
CA ALA A 376 -11.59 29.14 0.72
C ALA A 376 -10.75 28.47 -0.38
N PRO A 377 -11.07 28.76 -1.65
CA PRO A 377 -10.20 28.26 -2.73
C PRO A 377 -8.74 28.60 -2.52
N ASN A 378 -7.84 27.71 -3.02
CA ASN A 378 -6.46 28.08 -3.06
C ASN A 378 -6.29 29.45 -3.72
N PRO A 379 -5.45 30.31 -3.15
CA PRO A 379 -5.19 31.59 -3.79
C PRO A 379 -4.47 31.51 -5.10
N GLN A 380 -3.67 30.46 -5.27
CA GLN A 380 -2.96 30.24 -6.54
C GLN A 380 -3.58 29.02 -7.21
N VAL A 381 -3.70 29.09 -8.52
CA VAL A 381 -4.21 28.00 -9.32
C VAL A 381 -3.07 27.13 -9.85
N LEU A 382 -3.03 25.88 -9.39
CA LEU A 382 -2.00 24.91 -9.82
C LEU A 382 -2.43 24.26 -11.15
N ASP A 383 -2.39 25.07 -12.19
CA ASP A 383 -2.90 24.63 -13.48
C ASP A 383 -2.25 23.31 -13.90
N GLY A 384 -3.08 22.40 -14.37
CA GLY A 384 -2.61 21.15 -14.99
C GLY A 384 -2.60 19.95 -14.09
N ALA A 385 -2.64 20.13 -12.76
CA ALA A 385 -2.51 19.00 -11.85
C ALA A 385 -3.71 18.11 -11.89
N LEU A 386 -3.46 16.79 -12.05
CA LEU A 386 -4.53 15.78 -11.89
C LEU A 386 -4.60 15.40 -10.40
N VAL A 387 -5.78 15.55 -9.80
CA VAL A 387 -5.94 15.21 -8.40
C VAL A 387 -6.11 13.72 -8.18
N GLY A 388 -6.02 13.31 -6.93
CA GLY A 388 -6.13 11.93 -6.56
C GLY A 388 -7.35 11.28 -7.14
N GLY A 389 -8.52 11.86 -6.86
CA GLY A 389 -9.74 11.45 -7.50
C GLY A 389 -10.69 10.71 -6.56
N PRO A 390 -11.76 10.18 -7.09
CA PRO A 390 -12.90 9.66 -6.32
C PRO A 390 -12.71 8.27 -5.76
N ASP A 391 -13.62 7.92 -4.88
CA ASP A 391 -13.72 6.56 -4.39
C ASP A 391 -14.44 5.65 -5.36
N ASP A 392 -14.69 4.42 -4.93
CA ASP A 392 -15.21 3.40 -5.85
C ASP A 392 -16.65 3.62 -6.30
N GLN A 393 -17.31 4.61 -5.68
CA GLN A 393 -18.66 5.01 -6.06
C GLN A 393 -18.70 6.45 -6.58
N ASP A 394 -17.60 6.94 -7.11
CA ASP A 394 -17.52 8.29 -7.73
C ASP A 394 -17.60 9.46 -6.76
N ASN A 395 -17.50 9.19 -5.47
CA ASN A 395 -17.54 10.29 -4.51
C ASN A 395 -16.18 10.95 -4.33
N TYR A 396 -16.18 12.27 -4.34
CA TYR A 396 -14.97 13.06 -4.34
C TYR A 396 -15.28 14.32 -3.54
N ASN A 397 -14.34 14.69 -2.69
CA ASN A 397 -14.40 15.92 -1.92
C ASN A 397 -13.25 16.82 -2.24
N ASP A 398 -13.55 18.02 -2.71
CA ASP A 398 -12.52 19.03 -2.96
C ASP A 398 -12.16 19.77 -1.68
N ASP A 399 -11.45 19.05 -0.83
CA ASP A 399 -11.10 19.46 0.52
C ASP A 399 -9.58 19.42 0.59
N ARG A 400 -8.92 20.54 0.90
CA ARG A 400 -7.46 20.58 0.91
C ARG A 400 -6.87 19.56 1.86
N GLN A 401 -7.56 19.27 2.93
CA GLN A 401 -7.05 18.35 3.92
C GLN A 401 -7.23 16.91 3.59
N ASP A 402 -8.03 16.61 2.57
CA ASP A 402 -8.18 15.24 2.09
C ASP A 402 -7.05 14.92 1.08
N TYR A 403 -5.88 14.48 1.58
CA TYR A 403 -4.69 14.25 0.71
C TYR A 403 -4.81 12.88 0.08
N ILE A 404 -5.93 12.16 0.25
CA ILE A 404 -6.21 11.00 -0.56
C ILE A 404 -6.95 11.39 -1.83
N SER A 405 -8.07 12.11 -1.72
CA SER A 405 -8.98 12.71 -2.78
CA SER A 405 -8.87 12.58 -2.91
C SER A 405 -8.24 13.77 -3.63
N ASN A 406 -7.45 14.55 -2.89
CA ASN A 406 -7.06 15.84 -3.38
C ASN A 406 -5.59 16.14 -3.37
N GLU A 407 -4.75 15.11 -3.21
CA GLU A 407 -3.34 15.46 -3.48
C GLU A 407 -3.05 15.44 -4.96
N VAL A 408 -1.92 16.03 -5.26
CA VAL A 408 -1.38 16.18 -6.59
C VAL A 408 0.08 15.71 -6.51
N ALA A 409 0.63 15.23 -7.62
CA ALA A 409 2.01 14.66 -7.54
C ALA A 409 2.59 14.54 -8.91
N CYS A 410 3.93 14.58 -8.96
CA CYS A 410 4.65 14.28 -10.19
C CYS A 410 4.15 13.03 -10.88
N ASP A 411 4.07 11.97 -10.12
CA ASP A 411 3.72 10.68 -10.74
C ASP A 411 2.29 10.65 -11.23
N TYR A 412 1.39 11.43 -10.57
CA TYR A 412 0.01 11.49 -11.01
C TYR A 412 -0.11 12.02 -12.39
N ASN A 413 0.74 13.00 -12.76
CA ASN A 413 0.63 13.62 -14.05
C ASN A 413 1.41 12.92 -15.16
N ALA A 414 2.26 11.96 -14.82
CA ALA A 414 3.20 11.43 -15.81
C ALA A 414 2.58 10.60 -16.92
N GLY A 415 1.78 9.63 -16.54
CA GLY A 415 1.06 8.85 -17.52
C GLY A 415 -0.01 9.66 -18.21
N PHE A 416 -0.68 10.49 -17.42
CA PHE A 416 -1.72 11.40 -17.89
C PHE A 416 -1.23 12.28 -19.03
N GLN A 417 -0.05 12.91 -18.87
CA GLN A 417 0.41 13.81 -19.94
C GLN A 417 0.67 13.09 -21.24
N GLY A 418 1.28 11.91 -21.12
CA GLY A 418 1.50 11.08 -22.32
C GLY A 418 0.23 10.58 -22.93
N ALA A 419 -0.76 10.23 -22.10
CA ALA A 419 -2.03 9.80 -22.63
C ALA A 419 -2.73 10.87 -23.43
N LEU A 420 -2.65 12.11 -22.95
CA LEU A 420 -3.19 13.22 -23.71
C LEU A 420 -2.52 13.33 -25.09
N ALA A 421 -1.20 13.22 -25.13
CA ALA A 421 -0.49 13.22 -26.41
C ALA A 421 -0.97 12.08 -27.31
N GLY A 422 -1.19 10.94 -26.70
CA GLY A 422 -1.64 9.79 -27.49
C GLY A 422 -3.02 10.03 -28.08
N ILE A 423 -3.93 10.59 -27.29
N ILE A 423 -3.93 10.59 -27.30
CA ILE A 423 -5.27 10.89 -27.81
CA ILE A 423 -5.26 10.90 -27.80
C ILE A 423 -5.22 11.94 -28.91
C ILE A 423 -5.22 11.95 -28.90
N LEU A 424 -4.32 12.91 -28.77
CA LEU A 424 -4.16 13.97 -29.77
C LEU A 424 -3.65 13.44 -31.12
N GLN A 425 -3.05 12.26 -31.14
CA GLN A 425 -2.71 11.65 -32.43
C GLN A 425 -3.82 10.88 -33.14
N LEU A 426 -4.92 10.67 -32.48
CA LEU A 426 -6.00 9.90 -33.08
C LEU A 426 -6.81 10.86 -33.97
N GLN B 2 -0.55 0.01 35.09
CA GLN B 2 -0.98 1.36 34.80
C GLN B 2 -2.45 1.43 34.28
N TYR B 3 -2.95 0.39 33.58
CA TYR B 3 -4.34 0.28 33.08
C TYR B 3 -4.97 -1.07 33.45
N ASN B 4 -6.29 -1.24 33.22
CA ASN B 4 -6.93 -2.53 33.45
C ASN B 4 -6.86 -3.31 32.17
N TYR B 5 -5.66 -3.87 31.96
CA TYR B 5 -5.39 -4.56 30.72
C TYR B 5 -6.34 -5.73 30.62
N ARG B 6 -6.69 -6.37 31.76
CA ARG B 6 -7.59 -7.53 31.67
C ARG B 6 -8.96 -7.14 31.15
N GLU B 7 -9.47 -5.99 31.61
CA GLU B 7 -10.75 -5.47 31.11
C GLU B 7 -10.72 -5.30 29.61
N VAL B 8 -9.61 -4.76 29.13
CA VAL B 8 -9.42 -4.59 27.65
C VAL B 8 -9.38 -5.95 26.93
N LEU B 9 -8.66 -6.91 27.51
CA LEU B 9 -8.58 -8.24 26.90
C LEU B 9 -9.97 -8.89 26.79
N GLN B 10 -10.77 -8.76 27.85
CA GLN B 10 -12.12 -9.32 27.86
C GLN B 10 -12.98 -8.66 26.78
N LYS B 11 -12.83 -7.36 26.67
CA LYS B 11 -13.59 -6.59 25.67
C LYS B 11 -13.15 -6.96 24.26
N SER B 12 -11.85 -7.18 24.06
CA SER B 12 -11.37 -7.67 22.74
C SER B 12 -12.05 -8.95 22.30
N ILE B 13 -12.26 -9.90 23.22
CA ILE B 13 -12.97 -11.13 22.91
C ILE B 13 -14.40 -10.79 22.47
N LEU B 14 -15.03 -9.82 23.15
CA LEU B 14 -16.38 -9.36 22.74
C LEU B 14 -16.43 -8.68 21.36
N PHE B 15 -15.33 -8.03 20.98
CA PHE B 15 -15.22 -7.49 19.61
C PHE B 15 -15.33 -8.61 18.62
N TYR B 16 -14.56 -9.67 18.82
CA TYR B 16 -14.68 -10.80 17.90
C TYR B 16 -16.11 -11.37 17.90
N ALA B 17 -16.78 -11.43 19.05
CA ALA B 17 -18.17 -11.95 19.06
C ALA B 17 -19.09 -11.11 18.18
N ALA B 18 -18.84 -9.80 18.18
CA ALA B 18 -19.62 -8.86 17.41
C ALA B 18 -19.34 -8.97 15.92
N GLN B 19 -18.21 -9.61 15.55
CA GLN B 19 -17.87 -9.81 14.13
C GLN B 19 -18.40 -11.12 13.53
N ARG B 20 -19.08 -11.93 14.34
CA ARG B 20 -19.50 -13.21 13.81
C ARG B 20 -20.56 -13.09 12.72
N SER B 21 -20.35 -13.87 11.67
CA SER B 21 -21.37 -14.15 10.66
C SER B 21 -21.97 -15.50 10.96
N GLY B 22 -23.15 -15.74 10.39
CA GLY B 22 -23.75 -17.07 10.45
C GLY B 22 -24.77 -17.19 11.55
N GLN B 23 -25.04 -18.44 11.93
CA GLN B 23 -26.06 -18.74 12.92
C GLN B 23 -25.33 -18.57 14.25
N LEU B 24 -25.74 -17.59 15.03
CA LEU B 24 -25.05 -17.27 16.23
C LEU B 24 -25.46 -18.20 17.36
N PRO B 25 -24.56 -18.35 18.34
CA PRO B 25 -24.83 -19.32 19.41
C PRO B 25 -25.83 -18.83 20.41
N GLY B 26 -26.40 -19.78 21.15
CA GLY B 26 -27.40 -19.47 22.16
C GLY B 26 -26.89 -18.48 23.19
N ASN B 27 -25.60 -18.58 23.50
CA ASN B 27 -24.96 -17.69 24.46
C ASN B 27 -24.37 -16.41 23.86
N ASN B 28 -24.77 -16.06 22.63
CA ASN B 28 -24.29 -14.83 21.99
C ASN B 28 -24.39 -13.66 22.98
N PRO B 29 -23.30 -12.99 23.31
CA PRO B 29 -23.31 -11.88 24.26
C PRO B 29 -23.56 -10.49 23.67
N ILE B 30 -23.78 -10.43 22.35
CA ILE B 30 -23.98 -9.17 21.65
C ILE B 30 -25.45 -9.00 21.25
N ASP B 31 -26.20 -8.23 22.05
CA ASP B 31 -27.65 -8.24 21.92
C ASP B 31 -28.21 -7.63 20.64
N TRP B 32 -27.34 -6.89 19.95
CA TRP B 32 -27.70 -6.21 18.71
C TRP B 32 -27.22 -6.96 17.48
N ARG B 33 -26.67 -8.16 17.66
CA ARG B 33 -26.35 -9.05 16.56
C ARG B 33 -27.22 -10.32 16.61
N ASP B 34 -27.56 -10.83 15.43
CA ASP B 34 -28.40 -12.00 15.27
C ASP B 34 -27.92 -12.74 14.05
N ASP B 35 -28.62 -13.84 13.73
CA ASP B 35 -28.25 -14.69 12.61
C ASP B 35 -28.20 -13.84 11.33
N SER B 36 -27.16 -14.10 10.53
CA SER B 36 -26.95 -13.38 9.29
C SER B 36 -26.16 -14.25 8.30
N ALA B 37 -26.31 -13.95 7.01
CA ALA B 37 -25.58 -14.62 5.94
C ALA B 37 -25.70 -16.13 6.02
N LEU B 38 -26.94 -16.59 6.27
CA LEU B 38 -27.16 -18.01 6.42
C LEU B 38 -27.16 -18.75 5.09
N ASP B 39 -27.18 -18.03 3.97
CA ASP B 39 -27.08 -18.61 2.62
C ASP B 39 -25.67 -18.60 2.05
N ASP B 40 -24.68 -18.20 2.83
CA ASP B 40 -23.31 -18.20 2.33
C ASP B 40 -22.90 -19.64 1.96
N GLN B 41 -22.44 -19.80 0.73
CA GLN B 41 -22.16 -21.12 0.20
C GLN B 41 -21.23 -21.08 -1.00
N GLY B 42 -20.59 -22.21 -1.27
CA GLY B 42 -19.71 -22.32 -2.41
C GLY B 42 -20.48 -22.50 -3.69
N ASN B 43 -19.70 -22.62 -4.76
CA ASN B 43 -20.28 -22.78 -6.08
C ASN B 43 -20.79 -24.19 -6.34
N GLY B 44 -20.42 -25.13 -5.48
CA GLY B 44 -21.05 -26.45 -5.47
C GLY B 44 -22.12 -26.62 -4.41
N GLY B 45 -22.63 -25.52 -3.85
CA GLY B 45 -23.64 -25.61 -2.81
C GLY B 45 -23.10 -25.89 -1.43
N GLU B 46 -21.79 -25.85 -1.27
CA GLU B 46 -21.19 -26.24 -0.02
C GLU B 46 -21.47 -25.18 1.03
N ASP B 47 -21.77 -25.60 2.24
CA ASP B 47 -21.99 -24.68 3.34
C ASP B 47 -20.75 -23.89 3.69
N LEU B 48 -20.87 -22.54 3.62
CA LEU B 48 -19.77 -21.65 4.00
C LEU B 48 -20.24 -20.64 5.02
N THR B 49 -21.24 -21.02 5.83
CA THR B 49 -21.72 -20.13 6.86
C THR B 49 -20.72 -20.06 8.01
N GLY B 50 -20.80 -18.95 8.74
CA GLY B 50 -19.94 -18.67 9.88
C GLY B 50 -18.76 -17.79 9.49
N GLY B 51 -17.70 -17.83 10.28
CA GLY B 51 -16.59 -16.94 10.06
C GLY B 51 -16.83 -15.57 10.63
N TRP B 52 -15.80 -14.72 10.55
CA TRP B 52 -15.88 -13.35 11.02
C TRP B 52 -15.98 -12.38 9.83
N TYR B 53 -16.86 -11.41 9.95
CA TYR B 53 -16.84 -10.24 9.06
C TYR B 53 -15.52 -9.53 9.28
N ASP B 54 -14.93 -9.01 8.20
CA ASP B 54 -13.58 -8.49 8.31
C ASP B 54 -13.43 -7.22 9.18
N ALA B 55 -14.23 -6.23 8.89
CA ALA B 55 -14.00 -4.90 9.42
C ALA B 55 -15.35 -4.25 9.80
N GLY B 56 -15.63 -3.05 9.30
CA GLY B 56 -16.95 -2.45 9.43
C GLY B 56 -17.92 -2.85 8.34
N ASP B 57 -17.51 -3.84 7.55
CA ASP B 57 -18.22 -4.39 6.41
C ASP B 57 -18.63 -5.84 6.66
N HIS B 58 -19.09 -6.53 5.62
CA HIS B 58 -19.62 -7.87 5.81
C HIS B 58 -18.98 -8.92 4.87
N VAL B 59 -17.80 -8.58 4.36
CA VAL B 59 -17.02 -9.51 3.59
C VAL B 59 -16.27 -10.44 4.52
N LYS B 60 -16.12 -11.69 4.08
CA LYS B 60 -15.27 -12.67 4.76
C LYS B 60 -14.01 -12.84 3.91
N PHE B 61 -12.97 -12.15 4.35
CA PHE B 61 -11.68 -12.11 3.67
C PHE B 61 -10.73 -13.11 4.29
N GLY B 62 -10.41 -14.19 3.55
CA GLY B 62 -9.67 -15.31 4.15
C GLY B 62 -8.29 -15.05 4.68
N LEU B 63 -7.55 -14.15 4.03
CA LEU B 63 -6.15 -13.93 4.44
C LEU B 63 -6.04 -13.23 5.81
N PRO B 64 -6.66 -12.06 5.97
CA PRO B 64 -6.66 -11.47 7.32
C PRO B 64 -7.41 -12.30 8.33
N MET B 65 -8.47 -13.02 7.92
CA MET B 65 -9.22 -13.81 8.92
C MET B 65 -8.29 -14.92 9.46
N ALA B 66 -7.58 -15.61 8.55
CA ALA B 66 -6.64 -16.63 8.98
C ALA B 66 -5.46 -16.07 9.76
N TRP B 67 -4.88 -14.95 9.35
CA TRP B 67 -3.77 -14.41 10.09
C TRP B 67 -4.19 -13.98 11.50
N THR B 68 -5.39 -13.40 11.61
CA THR B 68 -5.92 -13.06 12.88
C THR B 68 -5.97 -14.31 13.77
N ALA B 69 -6.54 -15.41 13.25
CA ALA B 69 -6.61 -16.63 14.01
C ALA B 69 -5.22 -17.11 14.45
N THR B 70 -4.29 -17.18 13.52
CA THR B 70 -2.97 -17.70 13.89
C THR B 70 -2.37 -16.86 15.01
N THR B 71 -2.46 -15.55 14.83
CA THR B 71 -1.86 -14.61 15.74
C THR B 71 -2.51 -14.67 17.14
N LEU B 72 -3.83 -14.72 17.18
CA LEU B 72 -4.53 -14.92 18.43
C LEU B 72 -4.13 -16.21 19.12
N ILE B 73 -4.13 -17.28 18.35
CA ILE B 73 -3.78 -18.60 18.89
C ILE B 73 -2.37 -18.61 19.43
N TRP B 74 -1.44 -17.98 18.71
CA TRP B 74 -0.06 -17.91 19.16
C TRP B 74 0.07 -17.31 20.57
N GLY B 75 -0.63 -16.22 20.83
CA GLY B 75 -0.67 -15.65 22.16
C GLY B 75 -1.27 -16.55 23.21
N MET B 76 -2.32 -17.28 22.83
CA MET B 76 -2.93 -18.24 23.78
C MET B 76 -2.01 -19.44 24.13
N ILE B 77 -1.13 -19.80 23.21
CA ILE B 77 -0.11 -20.83 23.45
C ILE B 77 1.03 -20.28 24.29
N ASP B 78 1.64 -19.19 23.83
CA ASP B 78 2.95 -18.76 24.35
C ASP B 78 2.88 -17.67 25.41
N LEU B 79 1.69 -17.07 25.61
CA LEU B 79 1.43 -16.11 26.68
C LEU B 79 0.19 -16.59 27.47
N ALA B 80 0.16 -17.90 27.73
CA ALA B 80 -1.00 -18.53 28.38
C ALA B 80 -1.26 -17.99 29.77
N ASN B 81 -0.21 -17.72 30.55
CA ASN B 81 -0.42 -17.24 31.91
C ASN B 81 -1.07 -15.87 31.91
N GLY B 82 -0.70 -15.01 30.94
CA GLY B 82 -1.32 -13.70 30.86
C GLY B 82 -2.81 -13.80 30.52
N TYR B 83 -3.17 -14.76 29.65
CA TYR B 83 -4.60 -14.97 29.38
C TYR B 83 -5.36 -15.38 30.68
N GLY B 84 -4.70 -16.20 31.49
CA GLY B 84 -5.23 -16.50 32.81
C GLY B 84 -6.63 -17.02 32.77
N GLY B 85 -7.49 -16.49 33.63
CA GLY B 85 -8.89 -16.91 33.67
C GLY B 85 -9.76 -16.64 32.46
N ASP B 86 -9.22 -15.89 31.50
CA ASP B 86 -9.92 -15.58 30.27
C ASP B 86 -9.47 -16.46 29.13
N ARG B 87 -8.54 -17.39 29.39
CA ARG B 87 -8.00 -18.21 28.29
C ARG B 87 -9.04 -19.10 27.64
N ASN B 88 -9.90 -19.75 28.45
CA ASN B 88 -10.89 -20.62 27.89
C ASN B 88 -11.86 -19.84 27.01
N ASP B 89 -12.21 -18.64 27.45
CA ASP B 89 -13.12 -17.80 26.63
C ASP B 89 -12.47 -17.41 25.31
N ALA B 90 -11.19 -17.10 25.37
CA ALA B 90 -10.46 -16.75 24.15
C ALA B 90 -10.28 -17.90 23.23
N MET B 91 -10.12 -19.10 23.80
CA MET B 91 -10.05 -20.32 22.97
C MET B 91 -11.37 -20.60 22.27
N GLN B 92 -12.48 -20.53 23.00
N GLN B 92 -12.48 -20.53 23.02
CA GLN B 92 -13.78 -20.74 22.36
CA GLN B 92 -13.79 -20.74 22.42
C GLN B 92 -13.99 -19.73 21.24
C GLN B 92 -14.11 -19.71 21.33
N SER B 93 -13.62 -18.49 21.51
CA SER B 93 -13.81 -17.43 20.54
C SER B 93 -13.14 -17.71 19.19
N VAL B 94 -11.91 -18.22 19.23
CA VAL B 94 -11.17 -18.38 17.97
C VAL B 94 -11.63 -19.60 17.22
N ARG B 95 -12.35 -20.52 17.89
CA ARG B 95 -12.95 -21.67 17.15
C ARG B 95 -13.87 -21.19 16.04
N TRP B 96 -14.45 -20.00 16.21
CA TRP B 96 -15.36 -19.49 15.20
C TRP B 96 -14.66 -19.39 13.85
N ALA B 97 -13.40 -18.94 13.89
CA ALA B 97 -12.62 -18.84 12.65
C ALA B 97 -12.14 -20.18 12.17
N LEU B 98 -11.63 -20.99 13.11
CA LEU B 98 -11.12 -22.33 12.75
C LEU B 98 -12.20 -23.21 12.10
N ASP B 99 -13.41 -23.19 12.66
CA ASP B 99 -14.51 -23.96 12.10
C ASP B 99 -14.86 -23.53 10.67
N TYR B 100 -14.80 -22.22 10.43
CA TYR B 100 -15.05 -21.69 9.13
C TYR B 100 -13.98 -22.13 8.12
N PHE B 101 -12.70 -22.09 8.55
CA PHE B 101 -11.63 -22.56 7.66
C PHE B 101 -11.83 -24.02 7.22
N MET B 102 -12.28 -24.88 8.12
CA MET B 102 -12.53 -26.26 7.78
C MET B 102 -13.70 -26.39 6.80
N LYS B 103 -14.74 -25.56 6.96
CA LYS B 103 -15.82 -25.52 5.94
C LYS B 103 -15.33 -25.04 4.59
N CYS B 104 -14.42 -24.05 4.58
CA CYS B 104 -13.88 -23.54 3.31
C CYS B 104 -13.07 -24.59 2.57
N HIS B 105 -12.49 -25.54 3.33
CA HIS B 105 -11.68 -26.57 2.74
C HIS B 105 -12.56 -27.73 2.21
N VAL B 106 -13.18 -27.48 1.07
CA VAL B 106 -14.25 -28.36 0.59
C VAL B 106 -13.73 -29.68 0.03
N SER B 107 -12.48 -29.70 -0.41
CA SER B 107 -11.83 -30.91 -0.89
C SER B 107 -10.31 -30.66 -0.76
N ASP B 108 -9.51 -31.70 -0.96
CA ASP B 108 -8.11 -31.60 -0.61
C ASP B 108 -7.49 -30.35 -1.22
N ASN B 109 -7.70 -30.17 -2.53
CA ASN B 109 -7.12 -29.08 -3.30
C ASN B 109 -8.12 -27.98 -3.75
N GLU B 110 -9.16 -27.75 -2.95
CA GLU B 110 -10.02 -26.59 -3.16
C GLU B 110 -10.24 -25.89 -1.79
N LEU B 111 -9.92 -24.60 -1.70
CA LEU B 111 -10.07 -23.86 -0.49
C LEU B 111 -10.76 -22.53 -0.78
N TYR B 112 -11.98 -22.35 -0.29
CA TYR B 112 -12.65 -21.05 -0.41
C TYR B 112 -11.92 -19.96 0.38
N GLY B 113 -11.66 -18.84 -0.30
CA GLY B 113 -10.89 -17.75 0.25
C GLY B 113 -11.64 -16.44 0.43
N GLN B 114 -12.86 -16.33 -0.12
CA GLN B 114 -13.62 -15.12 0.09
C GLN B 114 -15.09 -15.43 -0.08
N VAL B 115 -15.90 -14.78 0.73
CA VAL B 115 -17.36 -14.72 0.52
C VAL B 115 -17.77 -13.25 0.64
N GLY B 116 -18.41 -12.77 -0.40
CA GLY B 116 -18.77 -11.38 -0.52
C GLY B 116 -17.91 -10.65 -1.51
N ASP B 117 -18.55 -9.77 -2.28
CA ASP B 117 -17.84 -8.87 -3.23
C ASP B 117 -17.59 -7.59 -2.50
N GLY B 118 -16.33 -7.20 -2.30
CA GLY B 118 -16.05 -6.04 -1.50
C GLY B 118 -16.69 -4.76 -1.98
N HIS B 119 -16.77 -4.56 -3.29
CA HIS B 119 -17.39 -3.34 -3.79
C HIS B 119 -18.90 -3.32 -3.58
N ALA B 120 -19.53 -4.45 -3.88
CA ALA B 120 -20.97 -4.55 -3.69
C ALA B 120 -21.35 -4.49 -2.21
N ASP B 121 -20.55 -5.17 -1.38
CA ASP B 121 -20.76 -5.16 0.05
C ASP B 121 -20.71 -3.75 0.61
N HIS B 122 -19.73 -2.97 0.16
CA HIS B 122 -19.51 -1.65 0.71
C HIS B 122 -20.52 -0.63 0.23
N ALA B 123 -21.25 -0.97 -0.83
CA ALA B 123 -22.32 -0.11 -1.33
C ALA B 123 -23.58 -0.17 -0.50
N TYR B 124 -23.64 -1.15 0.39
CA TYR B 124 -24.73 -1.30 1.35
C TYR B 124 -24.33 -0.72 2.69
N TRP B 125 -25.24 0.01 3.34
CA TRP B 125 -25.02 0.38 4.74
C TRP B 125 -26.26 -0.05 5.50
N GLY B 126 -26.07 -0.89 6.47
CA GLY B 126 -27.21 -1.49 7.21
C GLY B 126 -26.75 -2.66 8.03
N ARG B 127 -27.71 -3.32 8.66
CA ARG B 127 -27.39 -4.50 9.47
C ARG B 127 -27.06 -5.70 8.59
N PRO B 128 -26.06 -6.50 9.01
CA PRO B 128 -25.77 -7.74 8.27
C PRO B 128 -26.95 -8.69 8.25
N GLU B 129 -27.79 -8.64 9.28
CA GLU B 129 -28.99 -9.46 9.35
C GLU B 129 -29.96 -9.18 8.22
N GLU B 130 -29.88 -7.98 7.66
CA GLU B 130 -30.85 -7.52 6.64
C GLU B 130 -30.29 -7.42 5.22
N MET B 131 -29.08 -7.93 5.01
CA MET B 131 -28.50 -7.94 3.65
C MET B 131 -29.36 -8.73 2.70
N THR B 132 -29.48 -8.24 1.46
CA THR B 132 -30.14 -8.98 0.40
C THR B 132 -29.32 -9.13 -0.87
N MET B 133 -28.11 -8.56 -0.94
CA MET B 133 -27.34 -8.61 -2.16
C MET B 133 -26.66 -9.97 -2.34
N ASP B 134 -26.39 -10.29 -3.60
CA ASP B 134 -25.59 -11.49 -3.94
C ASP B 134 -24.25 -11.43 -3.22
N ARG B 135 -23.87 -12.58 -2.67
CA ARG B 135 -22.62 -12.73 -1.99
C ARG B 135 -21.84 -13.85 -2.66
N PRO B 136 -21.08 -13.53 -3.70
CA PRO B 136 -20.33 -14.55 -4.37
C PRO B 136 -19.25 -15.13 -3.49
N ALA B 137 -18.87 -16.36 -3.79
CA ALA B 137 -17.78 -17.06 -3.11
C ALA B 137 -16.76 -17.48 -4.16
N TRP B 138 -15.50 -17.30 -3.80
CA TRP B 138 -14.38 -17.66 -4.66
C TRP B 138 -13.44 -18.60 -3.93
N SER B 139 -12.89 -19.56 -4.71
CA SER B 139 -11.95 -20.55 -4.17
C SER B 139 -10.64 -20.57 -4.89
N LEU B 140 -9.66 -21.13 -4.17
CA LEU B 140 -8.35 -21.45 -4.69
C LEU B 140 -8.34 -22.93 -5.06
N THR B 141 -7.68 -23.23 -6.19
CA THR B 141 -7.52 -24.56 -6.75
C THR B 141 -6.15 -24.59 -7.45
N PRO B 142 -5.73 -25.75 -7.97
CA PRO B 142 -4.47 -25.77 -8.68
C PRO B 142 -4.44 -24.80 -9.88
N SER B 143 -5.57 -24.58 -10.55
CA SER B 143 -5.61 -23.64 -11.67
CA SER B 143 -5.60 -23.65 -11.67
C SER B 143 -5.70 -22.18 -11.20
N ALA B 144 -6.05 -21.98 -9.93
CA ALA B 144 -6.21 -20.64 -9.34
C ALA B 144 -5.57 -20.70 -7.95
N PRO B 145 -4.25 -20.72 -7.90
CA PRO B 145 -3.58 -20.98 -6.61
C PRO B 145 -3.51 -19.78 -5.66
N GLY B 146 -3.17 -20.05 -4.40
CA GLY B 146 -2.99 -18.95 -3.43
C GLY B 146 -2.22 -19.43 -2.23
N SER B 147 -0.90 -19.50 -2.42
CA SER B 147 -0.03 -20.07 -1.41
C SER B 147 0.03 -19.26 -0.13
N ASP B 148 -0.25 -17.96 -0.28
CA ASP B 148 -0.36 -17.01 0.84
C ASP B 148 -1.60 -17.27 1.72
N LEU B 149 -2.78 -17.21 1.11
CA LEU B 149 -4.00 -17.48 1.87
C LEU B 149 -4.02 -18.89 2.37
N ALA B 150 -3.67 -19.85 1.52
CA ALA B 150 -3.64 -21.25 1.97
C ALA B 150 -2.59 -21.50 3.04
N GLY B 151 -1.39 -20.95 2.88
CA GLY B 151 -0.35 -21.11 3.89
C GLY B 151 -0.74 -20.56 5.23
N GLU B 152 -1.38 -19.39 5.23
CA GLU B 152 -1.81 -18.81 6.47
C GLU B 152 -2.95 -19.61 7.12
N THR B 153 -3.86 -20.10 6.30
CA THR B 153 -4.95 -20.94 6.79
C THR B 153 -4.37 -22.21 7.47
N ALA B 154 -3.42 -22.82 6.79
CA ALA B 154 -2.69 -23.96 7.37
C ALA B 154 -2.01 -23.61 8.68
N ALA B 155 -1.35 -22.44 8.71
CA ALA B 155 -0.72 -22.00 9.96
C ALA B 155 -1.71 -21.89 11.10
N ALA B 156 -2.88 -21.31 10.83
CA ALA B 156 -3.87 -21.11 11.84
C ALA B 156 -4.34 -22.45 12.37
N LEU B 157 -4.62 -23.39 11.45
CA LEU B 157 -5.09 -24.73 11.84
C LEU B 157 -4.01 -25.50 12.61
N ALA B 158 -2.76 -25.42 12.16
CA ALA B 158 -1.67 -26.10 12.87
C ALA B 158 -1.46 -25.48 14.26
N ALA B 159 -1.45 -24.15 14.36
CA ALA B 159 -1.33 -23.51 15.66
C ALA B 159 -2.51 -23.93 16.55
N GLY B 160 -3.71 -23.96 15.99
CA GLY B 160 -4.87 -24.47 16.71
C GLY B 160 -4.72 -25.90 17.22
N SER B 161 -4.10 -26.76 16.41
CA SER B 161 -3.89 -28.14 16.82
C SER B 161 -3.04 -28.19 18.08
N ILE B 162 -2.07 -27.25 18.20
CA ILE B 162 -1.22 -27.19 19.38
C ILE B 162 -2.05 -26.72 20.58
N LEU B 163 -2.80 -25.64 20.36
CA LEU B 163 -3.59 -25.04 21.42
C LEU B 163 -4.65 -26.01 22.01
N PHE B 164 -5.33 -26.75 21.14
CA PHE B 164 -6.45 -27.63 21.56
C PHE B 164 -6.04 -29.06 21.93
N SER B 165 -4.75 -29.37 21.83
CA SER B 165 -4.26 -30.74 22.01
C SER B 165 -4.69 -31.34 23.35
N ASP B 166 -4.53 -30.56 24.40
CA ASP B 166 -4.80 -31.04 25.73
C ASP B 166 -6.28 -31.09 26.07
N SER B 167 -7.03 -30.08 25.64
CA SER B 167 -8.44 -29.97 26.05
C SER B 167 -9.44 -30.68 25.16
N ASP B 168 -9.07 -30.87 23.89
CA ASP B 168 -10.02 -31.40 22.93
C ASP B 168 -9.18 -32.05 21.88
N ALA B 169 -8.61 -33.20 22.26
CA ALA B 169 -7.70 -33.92 21.38
C ALA B 169 -8.35 -34.24 20.01
N SER B 170 -9.64 -34.64 20.00
CA SER B 170 -10.27 -35.00 18.74
C SER B 170 -10.33 -33.80 17.80
N TYR B 171 -10.71 -32.65 18.32
CA TYR B 171 -10.74 -31.44 17.50
C TYR B 171 -9.37 -31.04 17.02
N ALA B 172 -8.40 -31.13 17.90
CA ALA B 172 -7.03 -30.84 17.54
C ALA B 172 -6.54 -31.67 16.36
N ASN B 173 -6.88 -32.95 16.37
CA ASN B 173 -6.54 -33.79 15.26
C ASN B 173 -7.23 -33.42 13.95
N GLN B 174 -8.49 -32.97 14.03
CA GLN B 174 -9.21 -32.48 12.83
C GLN B 174 -8.50 -31.27 12.25
N LEU B 175 -8.14 -30.37 13.14
CA LEU B 175 -7.43 -29.15 12.74
C LEU B 175 -6.14 -29.53 12.01
N LEU B 176 -5.37 -30.43 12.61
CA LEU B 176 -4.11 -30.83 12.02
C LEU B 176 -4.27 -31.55 10.69
N ASP B 177 -5.28 -32.42 10.57
CA ASP B 177 -5.53 -33.09 9.29
C ASP B 177 -5.67 -32.04 8.19
N HIS B 178 -6.53 -31.04 8.43
CA HIS B 178 -6.75 -29.99 7.44
C HIS B 178 -5.48 -29.18 7.19
N ALA B 179 -4.76 -28.87 8.27
CA ALA B 179 -3.55 -28.05 8.12
C ALA B 179 -2.54 -28.74 7.19
N ARG B 180 -2.33 -30.04 7.38
CA ARG B 180 -1.38 -30.77 6.51
C ARG B 180 -1.82 -30.68 5.05
N THR B 181 -3.10 -30.96 4.80
CA THR B 181 -3.62 -31.03 3.42
C THR B 181 -3.60 -29.62 2.77
N ILE B 182 -4.00 -28.61 3.52
CA ILE B 182 -4.01 -27.25 2.98
C ILE B 182 -2.57 -26.77 2.75
N TYR B 183 -1.64 -27.11 3.64
CA TYR B 183 -0.27 -26.68 3.40
C TYR B 183 0.31 -27.36 2.14
N ASP B 184 0.02 -28.65 1.94
CA ASP B 184 0.45 -29.33 0.73
C ASP B 184 -0.10 -28.60 -0.51
N PHE B 185 -1.37 -28.19 -0.43
CA PHE B 185 -1.98 -27.45 -1.52
C PHE B 185 -1.20 -26.14 -1.79
N ALA B 186 -0.89 -25.43 -0.71
CA ALA B 186 -0.14 -24.18 -0.79
C ALA B 186 1.26 -24.35 -1.38
N TYR B 187 1.93 -25.38 -0.90
CA TYR B 187 3.30 -25.65 -1.33
C TYR B 187 3.40 -26.20 -2.75
N ASN B 188 2.44 -27.02 -3.14
CA ASN B 188 2.46 -27.67 -4.45
C ASN B 188 1.90 -26.83 -5.56
N ASN B 189 1.18 -25.74 -5.21
CA ASN B 189 0.50 -24.93 -6.25
C ASN B 189 0.79 -23.48 -5.93
N ARG B 190 1.79 -22.91 -6.59
CA ARG B 190 2.36 -21.62 -6.20
C ARG B 190 1.63 -20.48 -6.89
N GLY B 191 1.25 -19.48 -6.11
CA GLY B 191 0.65 -18.29 -6.64
C GLY B 191 0.17 -17.34 -5.54
N ILE B 192 -0.15 -16.14 -5.99
CA ILE B 192 -0.71 -15.06 -5.17
C ILE B 192 -2.22 -15.16 -5.17
N TYR B 193 -2.83 -15.24 -3.98
CA TYR B 193 -4.26 -15.55 -3.94
C TYR B 193 -5.09 -14.38 -4.53
N SER B 194 -4.59 -13.16 -4.42
CA SER B 194 -5.35 -12.00 -4.90
C SER B 194 -5.20 -11.79 -6.40
N GLU B 195 -4.39 -12.65 -7.07
CA GLU B 195 -4.43 -12.76 -8.53
C GLU B 195 -5.50 -13.81 -8.89
N SER B 196 -5.62 -14.88 -8.11
CA SER B 196 -6.65 -15.89 -8.35
C SER B 196 -8.06 -15.52 -7.95
N ILE B 197 -8.17 -14.62 -6.98
CA ILE B 197 -9.42 -14.02 -6.49
C ILE B 197 -9.24 -12.52 -6.66
N PRO B 198 -9.45 -12.03 -7.88
CA PRO B 198 -9.08 -10.64 -8.15
C PRO B 198 -9.94 -9.59 -7.42
N ASN B 199 -11.10 -9.98 -6.92
CA ASN B 199 -11.87 -9.05 -6.10
C ASN B 199 -11.04 -8.58 -4.88
N ALA B 200 -10.26 -9.52 -4.32
CA ALA B 200 -9.47 -9.23 -3.13
C ALA B 200 -8.34 -8.24 -3.41
N ALA B 201 -7.96 -8.05 -4.66
CA ALA B 201 -6.80 -7.21 -4.95
C ALA B 201 -6.99 -5.73 -4.68
N ASP B 202 -8.23 -5.30 -4.43
CA ASP B 202 -8.53 -3.94 -4.02
C ASP B 202 -8.57 -3.75 -2.52
N PHE B 203 -8.46 -4.81 -1.74
CA PHE B 203 -8.72 -4.77 -0.31
C PHE B 203 -7.63 -5.39 0.52
N TYR B 204 -7.20 -6.60 0.15
CA TYR B 204 -6.13 -7.33 0.82
C TYR B 204 -5.20 -7.89 -0.21
N ARG B 205 -4.61 -7.02 -0.98
CA ARG B 205 -3.61 -7.44 -1.98
C ARG B 205 -2.40 -8.03 -1.27
N SER B 206 -2.03 -9.25 -1.67
CA SER B 206 -0.87 -9.90 -1.08
C SER B 206 0.41 -9.51 -1.81
N SER B 207 1.41 -9.07 -1.05
CA SER B 207 2.70 -8.69 -1.64
C SER B 207 3.61 -9.87 -2.04
N ALA B 208 3.46 -11.00 -1.39
CA ALA B 208 4.32 -12.15 -1.62
C ALA B 208 3.73 -13.29 -0.85
N TYR B 209 4.04 -14.50 -1.29
CA TYR B 209 3.59 -15.70 -0.59
C TYR B 209 4.67 -16.54 0.09
N GLU B 210 5.95 -16.28 -0.20
CA GLU B 210 7.00 -17.11 0.38
C GLU B 210 7.02 -17.03 1.89
N ASP B 211 6.67 -15.87 2.40
CA ASP B 211 6.68 -15.72 3.87
C ASP B 211 5.59 -16.56 4.54
N GLU B 212 4.44 -16.73 3.87
CA GLU B 212 3.45 -17.65 4.36
C GLU B 212 3.84 -19.11 4.24
N LEU B 213 4.60 -19.44 3.19
CA LEU B 213 5.13 -20.83 3.12
C LEU B 213 6.10 -21.14 4.23
N CYS B 214 6.92 -20.15 4.61
CA CYS B 214 7.81 -20.30 5.77
C CYS B 214 7.01 -20.47 7.03
N TRP B 215 6.15 -19.48 7.28
CA TRP B 215 5.30 -19.42 8.49
C TRP B 215 4.47 -20.67 8.68
N GLY B 216 3.78 -21.11 7.64
CA GLY B 216 2.99 -22.31 7.73
C GLY B 216 3.82 -23.53 8.02
N ALA B 217 5.01 -23.62 7.39
CA ALA B 217 5.86 -24.79 7.63
C ALA B 217 6.39 -24.80 9.08
N LEU B 218 6.73 -23.60 9.59
CA LEU B 218 7.20 -23.52 10.98
C LEU B 218 6.12 -23.95 11.96
N TRP B 219 4.90 -23.49 11.73
CA TRP B 219 3.81 -23.92 12.60
C TRP B 219 3.55 -25.44 12.49
N LEU B 220 3.56 -25.99 11.28
CA LEU B 220 3.47 -27.44 11.12
C LEU B 220 4.63 -28.20 11.75
N TYR B 221 5.83 -27.65 11.71
CA TYR B 221 6.96 -28.22 12.45
C TYR B 221 6.69 -28.23 13.94
N ARG B 222 6.25 -27.08 14.45
CA ARG B 222 5.95 -27.01 15.89
C ARG B 222 4.84 -28.04 16.25
N ALA B 223 3.82 -28.18 15.38
CA ALA B 223 2.70 -29.04 15.65
C ALA B 223 3.02 -30.53 15.55
N THR B 224 3.98 -30.89 14.70
CA THR B 224 4.23 -32.27 14.39
C THR B 224 5.59 -32.82 14.81
N GLY B 225 6.60 -31.96 14.91
CA GLY B 225 8.00 -32.32 15.07
C GLY B 225 8.60 -33.00 13.86
N GLU B 226 7.92 -32.96 12.71
CA GLU B 226 8.45 -33.67 11.51
C GLU B 226 9.45 -32.80 10.80
N GLN B 227 10.67 -33.31 10.68
CA GLN B 227 11.78 -32.55 10.10
C GLN B 227 11.50 -32.07 8.68
N ASP B 228 10.69 -32.79 7.91
CA ASP B 228 10.37 -32.29 6.58
C ASP B 228 9.78 -30.87 6.57
N TYR B 229 9.00 -30.54 7.59
CA TYR B 229 8.48 -29.18 7.69
C TYR B 229 9.53 -28.14 7.98
N MET B 230 10.51 -28.49 8.81
CA MET B 230 11.64 -27.57 8.99
C MET B 230 12.41 -27.39 7.69
N ASP B 231 12.61 -28.49 6.96
CA ASP B 231 13.32 -28.41 5.70
C ASP B 231 12.56 -27.47 4.73
N LYS B 232 11.24 -27.56 4.73
CA LYS B 232 10.43 -26.68 3.89
C LYS B 232 10.54 -25.22 4.35
N ALA B 233 10.50 -24.99 5.67
CA ALA B 233 10.65 -23.61 6.17
C ALA B 233 11.98 -23.01 5.73
N ASN B 234 13.01 -23.87 5.70
CA ASN B 234 14.36 -23.44 5.34
C ASN B 234 14.51 -23.10 3.86
N GLU B 235 13.51 -23.41 3.04
CA GLU B 235 13.49 -22.98 1.66
C GLU B 235 13.05 -21.54 1.51
N PHE B 236 12.44 -20.98 2.57
CA PHE B 236 11.72 -19.69 2.48
C PHE B 236 12.07 -18.78 3.64
N LEU B 237 13.35 -18.76 4.05
CA LEU B 237 13.67 -18.02 5.24
C LEU B 237 13.57 -16.50 4.98
N PRO B 238 13.23 -15.71 6.03
CA PRO B 238 13.14 -14.26 5.86
C PRO B 238 14.42 -13.66 5.36
N GLN B 239 14.27 -12.76 4.38
CA GLN B 239 15.38 -12.03 3.79
C GLN B 239 15.29 -10.57 4.19
N GLY B 240 16.33 -10.11 4.86
CA GLY B 240 16.38 -8.72 5.31
C GLY B 240 15.43 -8.41 6.43
N ARG B 241 15.26 -7.11 6.66
CA ARG B 241 14.48 -6.64 7.80
C ARG B 241 13.00 -6.60 7.41
N PRO B 242 12.14 -7.26 8.21
CA PRO B 242 10.69 -7.10 7.94
C PRO B 242 10.27 -5.62 8.08
N TRP B 243 9.38 -5.18 7.21
CA TRP B 243 8.85 -3.81 7.29
C TRP B 243 7.90 -3.62 8.44
N ALA B 244 7.10 -4.63 8.68
CA ALA B 244 6.19 -4.70 9.84
C ALA B 244 5.74 -6.14 9.98
N PHE B 245 4.98 -6.47 11.01
CA PHE B 245 4.32 -7.76 11.14
C PHE B 245 2.85 -7.45 10.88
N SER B 246 2.22 -8.21 10.04
CA SER B 246 0.85 -7.92 9.66
C SER B 246 0.19 -9.11 8.97
N TRP B 247 -1.08 -8.94 8.56
CA TRP B 247 -1.76 -9.92 7.77
C TRP B 247 -1.05 -10.21 6.45
N ASP B 248 -0.22 -9.29 5.96
CA ASP B 248 0.51 -9.44 4.72
C ASP B 248 1.90 -10.00 4.88
N SER B 249 2.56 -9.75 6.01
N SER B 249 2.65 -9.58 5.92
CA SER B 249 3.97 -10.03 6.15
CA SER B 249 4.06 -9.98 6.13
C SER B 249 4.23 -10.83 7.41
C SER B 249 4.21 -10.83 7.39
N LYS B 250 4.68 -12.06 7.21
CA LYS B 250 4.87 -13.01 8.33
C LYS B 250 6.30 -13.09 8.84
N GLU B 251 7.24 -12.48 8.14
CA GLU B 251 8.66 -12.69 8.45
C GLU B 251 9.01 -12.44 9.88
N ALA B 252 8.54 -11.35 10.50
CA ALA B 252 8.93 -11.11 11.90
C ALA B 252 8.45 -12.21 12.81
N GLY B 253 7.27 -12.73 12.52
CA GLY B 253 6.75 -13.87 13.25
C GLY B 253 7.58 -15.11 13.08
N SER B 254 7.96 -15.40 11.84
CA SER B 254 8.84 -16.52 11.58
C SER B 254 10.16 -16.36 12.33
N LEU B 255 10.71 -15.14 12.40
CA LEU B 255 11.95 -14.97 13.17
C LEU B 255 11.81 -15.31 14.63
N VAL B 256 10.65 -14.96 15.25
CA VAL B 256 10.45 -15.36 16.65
C VAL B 256 10.40 -16.89 16.75
N LEU B 257 9.67 -17.53 15.84
CA LEU B 257 9.58 -19.01 15.87
C LEU B 257 10.97 -19.66 15.66
N LEU B 258 11.70 -19.17 14.69
CA LEU B 258 13.04 -19.70 14.41
C LEU B 258 13.92 -19.54 15.64
N THR B 259 13.84 -18.36 16.28
CA THR B 259 14.64 -18.13 17.49
C THR B 259 14.27 -19.10 18.62
N SER B 260 12.98 -19.45 18.71
CA SER B 260 12.51 -20.33 19.75
C SER B 260 13.11 -21.72 19.68
N PHE B 261 13.58 -22.12 18.50
CA PHE B 261 14.18 -23.43 18.38
C PHE B 261 15.68 -23.43 18.75
N GLY B 262 16.29 -22.24 18.86
CA GLY B 262 17.73 -22.05 19.11
C GLY B 262 18.40 -21.76 17.80
N ASN B 263 18.67 -20.50 17.51
CA ASN B 263 19.11 -20.08 16.17
C ASN B 263 19.70 -18.70 16.26
N SER B 264 21.02 -18.64 16.34
CA SER B 264 21.70 -17.36 16.51
CA SER B 264 21.73 -17.38 16.49
C SER B 264 21.47 -16.40 15.35
N ASN B 265 21.39 -16.93 14.13
CA ASN B 265 21.21 -16.06 12.97
C ASN B 265 19.83 -15.39 13.04
N ALA B 266 18.80 -16.18 13.33
CA ALA B 266 17.46 -15.62 13.47
C ALA B 266 17.37 -14.63 14.59
N ARG B 267 18.05 -14.92 15.70
CA ARG B 267 18.04 -13.97 16.81
C ARG B 267 18.57 -12.62 16.35
N ALA B 268 19.69 -12.61 15.64
CA ALA B 268 20.27 -11.34 15.22
C ALA B 268 19.36 -10.60 14.26
N GLN B 269 18.68 -11.35 13.39
N GLN B 269 18.68 -11.32 13.38
CA GLN B 269 17.76 -10.73 12.43
CA GLN B 269 17.74 -10.67 12.44
C GLN B 269 16.56 -10.12 13.17
C GLN B 269 16.52 -10.10 13.16
N LEU B 270 16.08 -10.82 14.18
CA LEU B 270 15.00 -10.34 15.01
C LEU B 270 15.41 -9.10 15.84
N GLU B 271 16.63 -9.11 16.38
CA GLU B 271 17.15 -7.95 17.09
C GLU B 271 17.21 -6.73 16.18
N ASP B 272 17.67 -6.91 14.93
CA ASP B 272 17.71 -5.78 14.00
C ASP B 272 16.29 -5.23 13.74
N PHE B 273 15.30 -6.11 13.62
CA PHE B 273 13.90 -5.64 13.47
C PHE B 273 13.45 -4.86 14.69
N LEU B 274 13.58 -5.46 15.87
CA LEU B 274 13.06 -4.80 17.06
C LEU B 274 13.72 -3.48 17.33
N GLN B 275 15.04 -3.43 17.19
CA GLN B 275 15.75 -2.20 17.48
C GLN B 275 15.26 -1.07 16.60
N SER B 276 14.84 -1.39 15.39
N SER B 276 14.85 -1.35 15.38
CA SER B 276 14.35 -0.35 14.50
CA SER B 276 14.31 -0.29 14.52
C SER B 276 13.02 0.28 14.99
C SER B 276 13.05 0.34 15.11
N TRP B 277 12.23 -0.48 15.73
CA TRP B 277 10.97 -0.04 16.32
C TRP B 277 11.12 0.69 17.63
N PHE B 278 12.23 0.49 18.33
CA PHE B 278 12.46 1.14 19.59
C PHE B 278 12.84 2.59 19.35
N PRO B 279 12.76 3.43 20.38
CA PRO B 279 13.20 4.82 20.20
C PRO B 279 14.65 4.86 19.68
N GLY B 280 14.92 5.76 18.75
CA GLY B 280 16.21 5.89 18.13
C GLY B 280 16.43 5.08 16.88
N GLY B 281 15.44 4.28 16.51
CA GLY B 281 15.53 3.42 15.34
C GLY B 281 15.03 4.11 14.08
N ASP B 282 14.51 3.31 13.15
CA ASP B 282 14.09 3.83 11.85
C ASP B 282 12.59 4.06 11.70
N ILE B 283 11.80 3.60 12.66
CA ILE B 283 10.37 3.83 12.62
C ILE B 283 10.11 5.23 13.19
N HIS B 284 9.29 5.98 12.51
CA HIS B 284 8.91 7.30 12.98
C HIS B 284 8.21 7.20 14.34
N TYR B 285 8.55 8.11 15.25
CA TYR B 285 7.80 8.30 16.48
C TYR B 285 7.01 9.59 16.40
N THR B 286 5.74 9.52 16.77
CA THR B 286 4.91 10.73 16.91
C THR B 286 5.43 11.48 18.16
N PRO B 287 5.10 12.76 18.30
CA PRO B 287 5.53 13.48 19.52
C PRO B 287 5.02 12.85 20.79
N LEU B 288 3.83 12.26 20.79
CA LEU B 288 3.27 11.66 22.01
C LEU B 288 3.69 10.18 22.17
N GLY B 289 4.58 9.68 21.32
CA GLY B 289 5.27 8.41 21.62
C GLY B 289 4.81 7.16 20.89
N LEU B 290 3.94 7.34 19.88
CA LEU B 290 3.48 6.20 19.07
C LEU B 290 4.55 5.86 18.02
N ALA B 291 4.91 4.58 17.97
CA ALA B 291 5.77 4.02 16.90
C ALA B 291 4.91 3.85 15.66
N TRP B 292 5.08 4.73 14.69
CA TRP B 292 4.10 4.98 13.64
C TRP B 292 4.64 4.48 12.31
N ARG B 293 3.97 3.49 11.73
CA ARG B 293 4.44 2.82 10.53
C ARG B 293 3.77 3.29 9.27
N ASP B 294 2.52 3.74 9.36
CA ASP B 294 1.72 3.95 8.15
C ASP B 294 0.50 4.77 8.49
N THR B 295 -0.03 5.40 7.45
CA THR B 295 -1.28 6.10 7.52
C THR B 295 -2.46 5.27 7.96
N TRP B 296 -2.47 4.03 7.45
N TRP B 296 -2.57 4.04 7.47
CA TRP B 296 -3.54 3.08 7.58
CA TRP B 296 -3.81 3.29 7.67
C TRP B 296 -3.31 2.20 8.80
C TRP B 296 -3.52 2.18 8.66
N GLY B 297 -4.22 2.20 9.78
CA GLY B 297 -4.06 1.23 10.87
C GLY B 297 -2.75 1.40 11.62
N SER B 298 -2.41 2.65 11.95
CA SER B 298 -1.18 2.88 12.67
C SER B 298 -1.14 2.18 14.02
N LEU B 299 -2.27 2.12 14.72
CA LEU B 299 -2.25 1.44 16.01
C LEU B 299 -2.05 -0.07 15.82
N ARG B 300 -2.67 -0.61 14.80
CA ARG B 300 -2.55 -2.03 14.47
C ARG B 300 -1.08 -2.39 14.21
N TYR B 301 -0.37 -1.56 13.45
CA TYR B 301 1.03 -1.93 13.17
C TYR B 301 1.85 -1.91 14.46
N SER B 302 1.60 -0.90 15.31
CA SER B 302 2.33 -0.78 16.56
C SER B 302 1.99 -1.95 17.50
N ALA B 303 0.70 -2.32 17.58
CA ALA B 303 0.28 -3.43 18.43
C ALA B 303 0.90 -4.74 17.95
N ASN B 304 0.98 -4.90 16.64
CA ASN B 304 1.59 -6.10 16.05
C ASN B 304 3.06 -6.19 16.47
N SER B 305 3.76 -5.08 16.40
CA SER B 305 5.15 -5.05 16.86
C SER B 305 5.28 -5.24 18.34
N ALA B 306 4.33 -4.68 19.12
CA ALA B 306 4.36 -4.93 20.57
C ALA B 306 4.21 -6.39 20.92
N PHE B 307 3.36 -7.08 20.17
CA PHE B 307 3.13 -8.51 20.37
C PHE B 307 4.43 -9.29 20.07
N ILE B 308 5.03 -9.01 18.91
CA ILE B 308 6.31 -9.62 18.56
C ILE B 308 7.35 -9.31 19.66
N ALA B 309 7.41 -8.05 20.10
CA ALA B 309 8.38 -7.64 21.12
C ALA B 309 8.20 -8.42 22.42
N LEU B 310 6.96 -8.63 22.86
CA LEU B 310 6.72 -9.36 24.13
C LEU B 310 7.09 -10.83 23.96
N LEU B 311 6.78 -11.43 22.81
CA LEU B 311 7.17 -12.82 22.55
C LEU B 311 8.70 -12.95 22.51
N ALA B 312 9.35 -12.01 21.86
CA ALA B 312 10.82 -12.01 21.74
C ALA B 312 11.45 -11.80 23.11
N ALA B 313 10.85 -10.94 23.93
CA ALA B 313 11.41 -10.69 25.26
C ALA B 313 11.39 -11.97 26.10
N GLU B 314 10.35 -12.78 25.96
N GLU B 314 10.34 -12.78 25.94
CA GLU B 314 10.27 -14.06 26.71
CA GLU B 314 10.21 -14.03 26.68
C GLU B 314 11.29 -15.07 26.20
C GLU B 314 11.26 -15.05 26.19
N GLU B 315 11.81 -14.85 24.98
CA GLU B 315 12.93 -15.66 24.47
C GLU B 315 14.28 -15.14 24.88
N GLY B 316 14.32 -14.05 25.64
CA GLY B 316 15.59 -13.44 25.99
C GLY B 316 16.14 -12.46 25.00
N VAL B 317 15.33 -12.03 24.04
CA VAL B 317 15.78 -11.11 23.01
C VAL B 317 15.41 -9.68 23.41
N LEU B 318 16.44 -8.87 23.67
CA LEU B 318 16.27 -7.46 24.03
C LEU B 318 15.16 -7.30 25.07
N THR B 319 15.24 -8.13 26.11
CA THR B 319 14.08 -8.29 26.97
C THR B 319 13.59 -7.02 27.63
N SER B 320 14.51 -6.26 28.21
CA SER B 320 14.06 -5.06 28.91
CA SER B 320 14.18 -5.00 28.90
C SER B 320 13.56 -4.01 27.94
N GLN B 321 14.26 -3.77 26.85
CA GLN B 321 13.82 -2.73 25.91
C GLN B 321 12.52 -3.13 25.22
N ALA B 322 12.39 -4.43 24.92
CA ALA B 322 11.19 -4.93 24.27
C ALA B 322 9.94 -4.75 25.16
N ARG B 323 10.07 -5.02 26.45
CA ARG B 323 8.94 -4.87 27.35
C ARG B 323 8.59 -3.39 27.55
N THR B 324 9.61 -2.54 27.62
CA THR B 324 9.38 -1.09 27.75
C THR B 324 8.64 -0.59 26.52
N PHE B 325 9.07 -1.01 25.32
CA PHE B 325 8.40 -0.65 24.07
C PHE B 325 6.96 -1.11 24.06
N ALA B 326 6.72 -2.37 24.37
CA ALA B 326 5.37 -2.89 24.31
C ALA B 326 4.42 -2.18 25.25
N ARG B 327 4.92 -1.91 26.45
CA ARG B 327 4.11 -1.14 27.43
C ARG B 327 3.83 0.25 26.94
N ALA B 328 4.82 0.93 26.36
CA ALA B 328 4.60 2.29 25.91
C ALA B 328 3.57 2.32 24.78
N GLN B 329 3.65 1.35 23.87
CA GLN B 329 2.68 1.33 22.75
C GLN B 329 1.28 1.00 23.21
N LEU B 330 1.13 -0.02 24.04
CA LEU B 330 -0.22 -0.36 24.50
CA LEU B 330 -0.19 -0.36 24.58
C LEU B 330 -0.78 0.78 25.38
N ASP B 331 0.06 1.43 26.15
CA ASP B 331 -0.38 2.59 26.95
C ASP B 331 -0.84 3.74 26.09
N TYR B 332 -0.19 3.94 24.94
CA TYR B 332 -0.73 4.89 23.95
C TYR B 332 -2.13 4.54 23.50
N MET B 333 -2.36 3.28 23.22
CA MET B 333 -3.65 2.85 22.77
C MET B 333 -4.74 3.01 23.83
N LEU B 334 -4.36 2.78 25.08
CA LEU B 334 -5.36 2.68 26.14
C LEU B 334 -5.66 4.03 26.80
N GLY B 335 -4.72 4.96 26.77
CA GLY B 335 -4.95 6.21 27.46
C GLY B 335 -3.85 7.21 27.66
N SER B 336 -2.58 6.93 27.30
CA SER B 336 -1.48 7.83 27.71
C SER B 336 -1.55 9.27 27.12
N THR B 337 -2.28 9.45 26.03
CA THR B 337 -2.46 10.78 25.43
C THR B 337 -3.63 11.54 26.09
N GLY B 338 -4.35 10.86 26.99
CA GLY B 338 -5.52 11.46 27.68
C GLY B 338 -6.85 10.93 27.20
N ARG B 339 -6.84 10.11 26.14
CA ARG B 339 -8.04 9.38 25.70
C ARG B 339 -7.69 7.99 25.22
N SER B 340 -8.70 7.12 25.24
CA SER B 340 -8.61 5.75 24.78
C SER B 340 -8.89 5.66 23.29
N PHE B 341 -8.16 4.73 22.63
CA PHE B 341 -8.40 4.37 21.25
C PHE B 341 -9.10 3.05 21.14
N VAL B 342 -9.63 2.54 22.26
CA VAL B 342 -10.35 1.25 22.32
C VAL B 342 -11.80 1.53 22.57
N VAL B 343 -12.63 1.12 21.64
CA VAL B 343 -14.08 1.38 21.73
C VAL B 343 -14.61 0.73 23.03
N GLY B 344 -15.46 1.47 23.74
CA GLY B 344 -16.06 0.95 24.95
C GLY B 344 -15.18 0.86 26.19
N PHE B 345 -14.00 1.49 26.16
CA PHE B 345 -13.03 1.36 27.22
C PHE B 345 -12.41 2.69 27.55
N GLY B 346 -12.26 2.96 28.86
CA GLY B 346 -11.38 4.03 29.30
C GLY B 346 -11.97 5.43 29.19
N THR B 347 -11.09 6.43 29.10
CA THR B 347 -11.51 7.83 29.07
C THR B 347 -11.73 8.28 27.63
N ASN B 348 -12.92 8.81 27.36
CA ASN B 348 -13.21 9.42 26.05
CA ASN B 348 -13.27 9.38 26.06
C ASN B 348 -12.86 8.43 24.94
N PRO B 349 -13.40 7.20 24.96
CA PRO B 349 -13.11 6.28 23.87
C PRO B 349 -13.80 6.75 22.56
N PRO B 350 -13.40 6.17 21.42
CA PRO B 350 -14.11 6.49 20.17
C PRO B 350 -15.56 6.08 20.34
N LEU B 351 -16.46 6.98 19.91
CA LEU B 351 -17.88 6.72 19.95
C LEU B 351 -18.49 6.44 18.59
N ARG B 352 -17.72 6.66 17.53
CA ARG B 352 -18.24 6.55 16.18
C ARG B 352 -17.31 5.71 15.27
N PRO B 353 -16.85 4.52 15.73
CA PRO B 353 -16.07 3.69 14.79
C PRO B 353 -16.88 3.40 13.54
N HIS B 354 -16.13 3.24 12.43
CA HIS B 354 -16.72 2.96 11.13
C HIS B 354 -17.15 1.48 11.07
N HIS B 355 -18.39 1.21 11.46
CA HIS B 355 -18.88 -0.16 11.64
C HIS B 355 -20.36 -0.16 11.36
N ARG B 356 -20.79 -0.88 10.32
CA ARG B 356 -22.20 -0.84 9.92
C ARG B 356 -23.14 -1.26 11.05
N ALA B 357 -22.94 -2.43 11.64
CA ALA B 357 -23.91 -2.92 12.64
C ALA B 357 -23.96 -2.00 13.85
N ALA B 358 -22.80 -1.53 14.30
CA ALA B 358 -22.75 -0.71 15.50
C ALA B 358 -23.40 0.65 15.29
N SER B 359 -23.42 1.13 14.04
CA SER B 359 -23.99 2.41 13.67
C SER B 359 -25.53 2.39 13.70
N CYS B 360 -26.11 1.19 13.77
CA CYS B 360 -27.56 1.04 13.65
C CYS B 360 -28.27 1.21 14.97
N PRO B 361 -29.44 1.85 14.91
CA PRO B 361 -30.30 1.88 16.11
C PRO B 361 -30.78 0.51 16.54
N ASP B 362 -31.36 0.40 17.73
CA ASP B 362 -31.94 -0.89 18.16
C ASP B 362 -33.03 -1.28 17.18
N MET B 363 -33.17 -2.60 16.97
CA MET B 363 -34.36 -3.14 16.32
C MET B 363 -35.57 -2.65 17.11
N PRO B 364 -36.68 -2.35 16.43
CA PRO B 364 -36.92 -2.61 15.02
C PRO B 364 -36.69 -1.38 14.12
N ALA B 365 -36.05 -0.32 14.61
CA ALA B 365 -35.87 0.90 13.81
C ALA B 365 -35.06 0.64 12.51
N SER B 366 -35.36 1.39 11.46
CA SER B 366 -34.70 1.20 10.17
C SER B 366 -33.21 1.63 10.25
N CYS B 367 -32.38 0.99 9.43
CA CYS B 367 -30.95 1.32 9.43
C CYS B 367 -30.53 1.39 7.99
N GLY B 368 -29.95 2.52 7.60
CA GLY B 368 -29.57 2.75 6.20
C GLY B 368 -28.41 3.70 6.10
N TRP B 369 -28.21 4.26 4.92
CA TRP B 369 -27.08 5.19 4.70
C TRP B 369 -27.10 6.44 5.61
N ASP B 370 -28.26 6.88 6.11
CA ASP B 370 -28.28 7.98 7.08
C ASP B 370 -27.42 7.67 8.34
N GLN B 371 -27.41 6.39 8.73
CA GLN B 371 -26.64 5.93 9.87
C GLN B 371 -25.12 6.03 9.64
N ALA B 372 -24.67 6.03 8.38
CA ALA B 372 -23.24 6.14 8.08
C ALA B 372 -22.70 7.52 8.42
N SER B 373 -23.51 8.56 8.22
CA SER B 373 -23.02 9.94 8.38
C SER B 373 -23.57 10.66 9.61
N ASP B 374 -24.47 10.04 10.37
CA ASP B 374 -25.07 10.70 11.52
C ASP B 374 -23.95 11.10 12.49
N PRO B 375 -23.90 12.40 12.92
CA PRO B 375 -22.81 12.78 13.83
C PRO B 375 -22.97 12.29 15.27
N ALA B 376 -24.12 11.72 15.61
CA ALA B 376 -24.34 11.18 16.93
C ALA B 376 -23.52 9.93 17.18
N PRO B 377 -23.18 9.66 18.44
CA PRO B 377 -22.51 8.41 18.79
C PRO B 377 -23.19 7.19 18.20
N ASN B 378 -22.42 6.18 17.85
CA ASN B 378 -23.00 4.92 17.47
C ASN B 378 -24.01 4.46 18.54
N PRO B 379 -25.19 3.99 18.13
CA PRO B 379 -26.18 3.47 19.09
C PRO B 379 -25.76 2.17 19.81
N GLN B 380 -24.87 1.38 19.16
CA GLN B 380 -24.33 0.18 19.80
C GLN B 380 -22.85 0.42 20.02
N VAL B 381 -22.41 0.03 21.22
CA VAL B 381 -20.97 0.14 21.57
C VAL B 381 -20.24 -1.15 21.18
N LEU B 382 -19.30 -1.01 20.26
CA LEU B 382 -18.48 -2.11 19.79
C LEU B 382 -17.29 -2.32 20.74
N ASP B 383 -17.62 -2.80 21.92
CA ASP B 383 -16.61 -2.91 22.97
C ASP B 383 -15.40 -3.71 22.45
N GLY B 384 -14.25 -3.20 22.79
CA GLY B 384 -13.00 -3.91 22.56
C GLY B 384 -12.28 -3.57 21.28
N ALA B 385 -12.90 -2.89 20.34
CA ALA B 385 -12.26 -2.65 19.05
C ALA B 385 -11.20 -1.59 19.14
N LEU B 386 -10.03 -1.91 18.62
CA LEU B 386 -8.95 -0.94 18.45
C LEU B 386 -9.16 -0.21 17.12
N VAL B 387 -9.21 1.11 17.14
CA VAL B 387 -9.46 1.86 15.90
C VAL B 387 -8.15 2.09 15.14
N GLY B 388 -8.28 2.55 13.90
CA GLY B 388 -7.14 2.81 13.05
C GLY B 388 -6.09 3.68 13.70
N GLY B 389 -6.53 4.82 14.24
CA GLY B 389 -5.64 5.66 15.01
C GLY B 389 -5.14 6.86 14.28
N PRO B 390 -4.17 7.54 14.87
CA PRO B 390 -3.81 8.89 14.41
C PRO B 390 -2.82 8.95 13.29
N ASP B 391 -2.61 10.15 12.80
CA ASP B 391 -1.57 10.42 11.82
C ASP B 391 -0.21 10.60 12.48
N ASP B 392 0.80 10.96 11.70
CA ASP B 392 2.17 11.01 12.18
C ASP B 392 2.48 12.14 13.16
N GLN B 393 1.50 12.99 13.40
CA GLN B 393 1.55 14.07 14.38
C GLN B 393 0.49 13.92 15.46
N ASP B 394 0.01 12.70 15.69
CA ASP B 394 -0.99 12.39 16.72
C ASP B 394 -2.38 12.91 16.47
N ASN B 395 -2.69 13.35 15.25
CA ASN B 395 -4.05 13.88 14.99
C ASN B 395 -5.01 12.80 14.69
N TYR B 396 -6.21 12.87 15.28
CA TYR B 396 -7.22 11.83 15.19
C TYR B 396 -8.57 12.50 15.35
N ASN B 397 -9.51 12.09 14.49
CA ASN B 397 -10.90 12.50 14.60
C ASN B 397 -11.80 11.29 14.75
N ASP B 398 -12.71 11.35 15.74
CA ASP B 398 -13.71 10.29 15.96
C ASP B 398 -14.90 10.61 15.08
N ASP B 399 -14.73 10.33 13.79
CA ASP B 399 -15.69 10.65 12.74
C ASP B 399 -15.95 9.33 12.02
N ARG B 400 -17.21 8.92 12.01
CA ARG B 400 -17.54 7.63 11.43
C ARG B 400 -17.09 7.52 9.96
N GLN B 401 -17.16 8.62 9.22
CA GLN B 401 -16.81 8.62 7.82
C GLN B 401 -15.33 8.59 7.57
N ASP B 402 -14.53 8.78 8.61
CA ASP B 402 -13.08 8.68 8.46
C ASP B 402 -12.71 7.19 8.62
N TYR B 403 -12.72 6.44 7.53
CA TYR B 403 -12.41 4.98 7.65
C TYR B 403 -10.92 4.72 7.72
N ILE B 404 -10.10 5.78 7.61
CA ILE B 404 -8.70 5.65 8.00
C ILE B 404 -8.52 5.68 9.50
N SER B 405 -8.88 6.81 10.13
CA SER B 405 -8.79 7.02 11.61
CA SER B 405 -8.67 6.93 11.56
C SER B 405 -9.58 6.03 12.39
N ASN B 406 -10.77 5.72 11.87
CA ASN B 406 -11.77 5.13 12.69
C ASN B 406 -12.32 3.82 12.16
N GLU B 407 -11.62 3.16 11.23
CA GLU B 407 -12.10 1.77 11.03
C GLU B 407 -11.55 0.83 12.07
N VAL B 408 -12.22 -0.31 12.17
CA VAL B 408 -11.94 -1.39 13.10
C VAL B 408 -11.85 -2.63 12.23
N ALA B 409 -11.09 -3.61 12.70
CA ALA B 409 -10.90 -4.84 11.90
C ALA B 409 -10.40 -5.99 12.71
N CYS B 410 -10.74 -7.19 12.25
CA CYS B 410 -10.18 -8.39 12.87
C CYS B 410 -8.66 -8.27 13.08
N ASP B 411 -7.95 -7.90 12.01
CA ASP B 411 -6.48 -7.92 12.10
C ASP B 411 -5.99 -6.85 13.06
N TYR B 412 -6.75 -5.72 13.17
CA TYR B 412 -6.36 -4.69 14.10
C TYR B 412 -6.29 -5.17 15.54
N ASN B 413 -7.20 -6.07 15.92
CA ASN B 413 -7.25 -6.54 17.29
C ASN B 413 -6.35 -7.75 17.56
N ALA B 414 -5.77 -8.36 16.51
CA ALA B 414 -5.12 -9.66 16.72
C ALA B 414 -3.83 -9.58 17.52
N GLY B 415 -2.94 -8.71 17.09
CA GLY B 415 -1.66 -8.53 17.82
C GLY B 415 -1.92 -7.86 19.15
N PHE B 416 -2.84 -6.90 19.13
CA PHE B 416 -3.30 -6.15 20.31
C PHE B 416 -3.75 -7.09 21.41
N GLN B 417 -4.61 -8.05 21.09
CA GLN B 417 -5.12 -8.95 22.13
C GLN B 417 -3.97 -9.73 22.80
N GLY B 418 -3.07 -10.25 21.98
CA GLY B 418 -1.92 -11.00 22.48
C GLY B 418 -0.98 -10.13 23.28
N ALA B 419 -0.79 -8.91 22.83
CA ALA B 419 0.05 -7.97 23.56
C ALA B 419 -0.50 -7.68 24.96
N LEU B 420 -1.82 -7.56 25.07
CA LEU B 420 -2.44 -7.40 26.38
C LEU B 420 -2.10 -8.62 27.24
N ALA B 421 -2.27 -9.82 26.71
CA ALA B 421 -1.91 -11.03 27.45
C ALA B 421 -0.45 -10.99 27.91
N GLY B 422 0.44 -10.54 27.04
CA GLY B 422 1.86 -10.44 27.38
C GLY B 422 2.14 -9.47 28.48
N ILE B 423 1.46 -8.33 28.45
N ILE B 423 1.48 -8.32 28.47
CA ILE B 423 1.59 -7.32 29.49
CA ILE B 423 1.70 -7.35 29.53
C ILE B 423 1.08 -7.86 30.82
C ILE B 423 1.08 -7.86 30.85
N LEU B 424 0.00 -8.66 30.78
CA LEU B 424 -0.60 -9.21 31.99
C LEU B 424 0.30 -10.23 32.69
N GLN B 425 1.29 -10.79 31.98
CA GLN B 425 2.29 -11.65 32.63
C GLN B 425 3.43 -10.92 33.27
N LEU B 426 3.55 -9.63 33.07
CA LEU B 426 4.72 -8.95 33.63
C LEU B 426 4.55 -8.55 35.09
C2 BGC C . -17.07 4.37 -0.75
C3 BGC C . -16.91 2.97 -0.20
C4 BGC C . -17.04 3.16 1.31
C5 BGC C . -18.36 3.83 1.65
C6 BGC C . -18.63 4.02 3.12
C1 BGC C . -18.43 4.95 -0.43
O1 BGC C . -18.57 6.24 -1.03
O2 BGC C . -16.75 4.49 -2.14
O3 BGC C . -15.62 2.57 -0.52
O4 BGC C . -16.97 1.88 1.97
O5 BGC C . -18.48 5.11 1.00
O6 BGC C . -17.57 4.72 3.70
C2 BGC C . -16.18 0.57 3.73
C3 BGC C . -15.02 0.22 4.62
C4 BGC C . -13.75 0.11 3.74
C5 BGC C . -13.58 1.35 2.84
C6 BGC C . -12.38 1.30 1.89
C1 BGC C . -15.88 1.79 2.86
O2 BGC C . -17.33 0.78 4.52
O3 BGC C . -15.46 -1.01 5.24
O4 BGC C . -12.59 -0.02 4.57
O5 BGC C . -14.77 1.53 2.04
O6 BGC C . -12.35 0.09 1.11
C2 BGC D . -0.30 14.63 9.07
C3 BGC D . 0.70 14.69 7.97
C4 BGC D . 0.14 15.60 6.86
C5 BGC D . -0.25 16.97 7.39
C6 BGC D . -0.92 17.86 6.36
C1 BGC D . -0.58 16.06 9.57
O1 BGC D . -1.51 16.04 10.65
O2 BGC D . 0.16 13.84 10.18
O3 BGC D . 0.84 13.38 7.49
O4 BGC D . 1.11 15.80 5.79
O5 BGC D . -1.12 16.87 8.51
O6 BGC D . -2.07 17.21 5.89
C2 BGC D . 1.56 15.76 3.46
C3 BGC D . 1.25 15.02 2.17
C4 BGC D . 1.29 13.50 2.36
C5 BGC D . 0.47 13.06 3.57
C6 BGC D . 0.60 11.58 3.92
C1 BGC D . 0.71 15.18 4.58
O2 BGC D . 1.21 17.14 3.35
O3 BGC D . 2.23 15.52 1.24
O4 BGC D . 0.78 12.74 1.27
O5 BGC D . 0.93 13.77 4.72
O6 BGC D . 1.97 11.14 4.10
CA CA E . 9.60 -2.04 -8.60
NA NA F . 4.15 -10.42 -11.05
NA NA G . -15.28 -9.46 -15.13
NA NA H . -9.83 -3.64 -30.72
NA NA I . 12.83 -6.96 3.74
CA CA J . 3.00 -12.53 2.56
CL CL K . 17.44 -5.06 26.42
NA NA L . -25.69 -15.21 2.16
#